data_7ZVF
#
_entry.id   7ZVF
#
_cell.length_a   57.220
_cell.length_b   62.290
_cell.length_c   68.030
_cell.angle_alpha   105.528
_cell.angle_beta   93.561
_cell.angle_gamma   115.725
#
_symmetry.space_group_name_H-M   'P 1'
#
loop_
_entity.id
_entity.type
_entity.pdbx_description
1 polymer 'Cathepsin L'
2 non-polymer "(2S)-N-[(2S)-1-(dimethylamino)-1-oxidanylidene-3-phenyl-propan-2-yl]-2-oxidanyl-N'-(2-pyridin-2-ylethyl)butanediamide"
3 non-polymer 'TETRAETHYLENE GLYCOL'
4 non-polymer 'PENTAETHYLENE GLYCOL'
5 non-polymer 'DIMETHYL SULFOXIDE'
6 non-polymer DI(HYDROXYETHYL)ETHER
7 non-polymer 'SODIUM ION'
8 non-polymer 1,2-ETHANEDIOL
9 water water
#
_entity_poly.entity_id   1
_entity_poly.type   'polypeptide(L)'
_entity_poly.pdbx_seq_one_letter_code
;APRSVDWREKGYVTPVKNQGQCGSCWAFSATGALEGQMFRKTGRLISLSEQNLVDCSGPQGNEGCNGGLMDYAFQYVQDN
GGLDSEESYPYEATEESCKYNPKYSVANDAGFVDIPKQEKALMKAVATVGPISVAIDAGHESFLFYKEGIYFEPDCSSED
MDHGVLVVGYGFESTESDNNKYWLVKNSWGEEWGMGGYVKMAKDRRNHCGIASAASYPTV
;
_entity_poly.pdbx_strand_id   A,B,C,D
#
loop_
_chem_comp.id
_chem_comp.type
_chem_comp.name
_chem_comp.formula
1PE non-polymer 'PENTAETHYLENE GLYCOL' 'C10 H22 O6'
DMS non-polymer 'DIMETHYL SULFOXIDE' 'C2 H6 O S'
EDO non-polymer 1,2-ETHANEDIOL 'C2 H6 O2'
KXL non-polymer (2S)-N-[(2S)-1-(dimethylamino)-1-oxidanylidene-3-phenyl-propan-2-yl]-2-oxidanyl-N'-(2-pyridin-2-ylethyl)butanediamide 'C22 H28 N4 O4'
NA non-polymer 'SODIUM ION' 'Na 1'
PEG non-polymer DI(HYDROXYETHYL)ETHER 'C4 H10 O3'
PG4 non-polymer 'TETRAETHYLENE GLYCOL' 'C8 H18 O5'
#
# COMPACT_ATOMS: atom_id res chain seq x y z
N ALA A 1 17.00 8.77 12.04
CA ALA A 1 16.90 8.36 10.61
C ALA A 1 15.49 8.71 10.10
N PRO A 2 15.33 8.80 8.78
CA PRO A 2 13.98 8.94 8.23
C PRO A 2 13.12 7.74 8.61
N ARG A 3 11.81 7.97 8.66
CA ARG A 3 10.88 6.87 8.94
C ARG A 3 10.64 6.00 7.70
N SER A 4 10.83 6.56 6.51
N SER A 4 10.83 6.55 6.51
CA SER A 4 10.63 5.86 5.25
CA SER A 4 10.66 5.78 5.28
C SER A 4 11.72 6.29 4.27
C SER A 4 11.64 6.28 4.22
N VAL A 5 12.18 5.34 3.46
CA VAL A 5 13.21 5.58 2.45
C VAL A 5 12.89 4.70 1.24
N ASP A 6 13.09 5.24 0.03
CA ASP A 6 12.95 4.43 -1.18
C ASP A 6 13.92 4.99 -2.23
N TRP A 7 15.08 4.32 -2.40
CA TRP A 7 16.10 4.80 -3.32
C TRP A 7 15.68 4.67 -4.79
N ARG A 8 14.63 3.90 -5.09
CA ARG A 8 14.17 3.84 -6.47
C ARG A 8 13.68 5.21 -6.92
N GLU A 9 13.10 5.98 -6.01
CA GLU A 9 12.59 7.29 -6.33
C GLU A 9 13.70 8.28 -6.62
N LYS A 10 14.90 8.03 -6.13
CA LYS A 10 16.07 8.87 -6.37
C LYS A 10 16.89 8.43 -7.57
N GLY A 11 16.53 7.34 -8.21
CA GLY A 11 17.15 6.93 -9.45
C GLY A 11 18.29 5.95 -9.31
N TYR A 12 18.43 5.29 -8.16
CA TYR A 12 19.59 4.47 -7.86
C TYR A 12 19.44 3.01 -8.26
N VAL A 13 18.30 2.58 -8.80
CA VAL A 13 17.96 1.16 -8.87
C VAL A 13 17.53 0.79 -10.28
N THR A 14 18.20 -0.21 -10.86
CA THR A 14 17.82 -0.75 -12.16
C THR A 14 16.58 -1.63 -12.02
N PRO A 15 15.97 -2.01 -13.14
CA PRO A 15 14.81 -2.91 -13.06
C PRO A 15 15.19 -4.26 -12.48
N VAL A 16 14.15 -5.00 -12.09
CA VAL A 16 14.35 -6.34 -11.55
C VAL A 16 14.87 -7.28 -12.62
N LYS A 17 15.86 -8.09 -12.22
CA LYS A 17 16.49 -9.06 -13.10
C LYS A 17 16.11 -10.46 -12.64
N ASN A 18 16.57 -11.45 -13.39
CA ASN A 18 16.26 -12.85 -13.14
C ASN A 18 17.51 -13.70 -13.31
N GLN A 19 17.93 -14.29 -12.22
CA GLN A 19 19.15 -15.13 -12.15
C GLN A 19 18.88 -16.49 -12.79
N GLY A 20 17.69 -16.81 -13.19
CA GLY A 20 17.49 -18.10 -13.82
C GLY A 20 17.76 -19.24 -12.86
N GLN A 21 18.27 -20.35 -13.40
CA GLN A 21 18.51 -21.54 -12.59
C GLN A 21 19.95 -21.65 -12.08
N CYS A 22 20.66 -20.53 -12.04
CA CYS A 22 22.01 -20.45 -11.51
C CYS A 22 21.98 -19.83 -10.12
N GLY A 23 22.74 -20.40 -9.19
CA GLY A 23 22.81 -19.94 -7.81
C GLY A 23 23.70 -18.73 -7.66
N SER A 24 23.38 -17.67 -8.40
CA SER A 24 24.23 -16.48 -8.51
C SER A 24 23.63 -15.28 -7.79
N CYS A 25 22.74 -15.52 -6.83
CA CYS A 25 22.08 -14.43 -6.12
C CYS A 25 23.08 -13.39 -5.63
N TRP A 26 24.22 -13.86 -5.13
CA TRP A 26 25.27 -12.98 -4.62
C TRP A 26 25.74 -11.99 -5.67
N ALA A 27 25.76 -12.39 -6.93
CA ALA A 27 26.21 -11.51 -8.00
C ALA A 27 25.16 -10.41 -8.29
N PHE A 28 23.87 -10.77 -8.25
CA PHE A 28 22.81 -9.78 -8.44
C PHE A 28 22.76 -8.81 -7.28
N SER A 29 22.91 -9.31 -6.06
CA SER A 29 22.99 -8.43 -4.90
C SER A 29 24.14 -7.45 -5.05
N ALA A 30 25.30 -7.96 -5.48
CA ALA A 30 26.49 -7.10 -5.61
C ALA A 30 26.31 -6.09 -6.73
N THR A 31 25.82 -6.51 -7.91
CA THR A 31 25.63 -5.53 -8.97
C THR A 31 24.62 -4.47 -8.53
N GLY A 32 23.57 -4.87 -7.81
CA GLY A 32 22.59 -3.88 -7.40
C GLY A 32 23.19 -2.80 -6.52
N ALA A 33 24.01 -3.20 -5.54
CA ALA A 33 24.62 -2.20 -4.66
C ALA A 33 25.63 -1.35 -5.42
N LEU A 34 26.40 -1.94 -6.33
CA LEU A 34 27.38 -1.17 -7.08
C LEU A 34 26.68 -0.24 -8.08
N GLU A 35 25.56 -0.68 -8.66
CA GLU A 35 24.79 0.22 -9.51
C GLU A 35 24.35 1.45 -8.74
N GLY A 36 23.95 1.28 -7.48
CA GLY A 36 23.53 2.41 -6.67
C GLY A 36 24.68 3.36 -6.36
N GLN A 37 25.83 2.82 -5.98
CA GLN A 37 26.95 3.66 -5.61
C GLN A 37 27.59 4.34 -6.82
N MET A 38 27.62 3.66 -7.96
CA MET A 38 28.07 4.30 -9.19
C MET A 38 27.14 5.45 -9.55
N PHE A 39 25.82 5.25 -9.41
CA PHE A 39 24.89 6.33 -9.69
C PHE A 39 25.09 7.50 -8.74
N ARG A 40 25.29 7.20 -7.46
CA ARG A 40 25.59 8.24 -6.47
C ARG A 40 26.76 9.09 -6.92
N LYS A 41 27.80 8.45 -7.46
CA LYS A 41 29.00 9.19 -7.83
C LYS A 41 28.85 9.98 -9.12
N THR A 42 28.29 9.36 -10.15
CA THR A 42 28.36 9.84 -11.53
C THR A 42 27.05 10.38 -12.07
N GLY A 43 25.92 10.07 -11.43
CA GLY A 43 24.63 10.44 -11.97
C GLY A 43 24.17 9.59 -13.13
N ARG A 44 24.89 8.49 -13.43
CA ARG A 44 24.51 7.59 -14.51
C ARG A 44 24.19 6.22 -13.93
N LEU A 45 22.99 5.74 -14.23
CA LEU A 45 22.54 4.40 -13.86
C LEU A 45 22.83 3.46 -15.02
N ILE A 46 23.81 2.56 -14.83
CA ILE A 46 24.23 1.61 -15.85
C ILE A 46 24.16 0.20 -15.25
N SER A 47 23.39 -0.67 -15.91
CA SER A 47 23.24 -2.05 -15.46
C SER A 47 24.56 -2.79 -15.63
N LEU A 48 24.95 -3.55 -14.61
CA LEU A 48 26.25 -4.21 -14.55
C LEU A 48 26.11 -5.72 -14.76
N SER A 49 27.23 -6.34 -15.10
CA SER A 49 27.24 -7.72 -15.58
C SER A 49 27.41 -8.69 -14.41
N GLU A 50 26.35 -9.42 -14.11
CA GLU A 50 26.46 -10.52 -13.16
C GLU A 50 27.28 -11.67 -13.73
N GLN A 51 27.20 -11.90 -15.05
CA GLN A 51 27.99 -12.97 -15.66
C GLN A 51 29.48 -12.74 -15.45
N ASN A 52 29.92 -11.48 -15.57
CA ASN A 52 31.29 -11.09 -15.29
C ASN A 52 31.72 -11.58 -13.90
N LEU A 53 30.86 -11.36 -12.90
CA LEU A 53 31.19 -11.78 -11.54
C LEU A 53 31.20 -13.30 -11.41
N VAL A 54 30.18 -13.96 -11.95
CA VAL A 54 30.08 -15.42 -11.89
C VAL A 54 31.32 -16.08 -12.48
N ASP A 55 31.75 -15.60 -13.65
CA ASP A 55 32.83 -16.21 -14.41
C ASP A 55 34.20 -15.89 -13.83
N CYS A 56 34.36 -14.72 -13.18
CA CYS A 56 35.69 -14.17 -12.96
C CYS A 56 36.12 -14.00 -11.51
N SER A 57 35.20 -14.01 -10.55
CA SER A 57 35.53 -13.68 -9.17
C SER A 57 35.82 -14.91 -8.30
N GLY A 58 36.13 -16.05 -8.92
CA GLY A 58 36.61 -17.20 -8.19
C GLY A 58 37.83 -16.94 -7.33
N PRO A 59 38.85 -16.22 -7.82
CA PRO A 59 40.02 -15.98 -6.98
C PRO A 59 39.72 -15.23 -5.70
N GLN A 60 38.63 -14.47 -5.64
CA GLN A 60 38.25 -13.76 -4.43
C GLN A 60 37.47 -14.64 -3.46
N GLY A 61 37.11 -15.86 -3.88
CA GLY A 61 36.40 -16.80 -3.03
C GLY A 61 35.04 -17.21 -3.54
N ASN A 62 34.59 -16.68 -4.68
CA ASN A 62 33.24 -17.01 -5.13
C ASN A 62 33.25 -18.30 -5.94
N GLU A 63 32.08 -18.94 -6.01
CA GLU A 63 31.94 -20.26 -6.60
C GLU A 63 30.84 -20.28 -7.65
N GLY A 64 30.70 -19.19 -8.39
CA GLY A 64 29.85 -19.20 -9.58
C GLY A 64 28.41 -19.48 -9.23
N CYS A 65 27.81 -20.40 -10.00
CA CYS A 65 26.43 -20.82 -9.75
C CYS A 65 26.28 -21.69 -8.52
N ASN A 66 27.38 -22.03 -7.86
CA ASN A 66 27.36 -22.77 -6.60
C ASN A 66 27.39 -21.85 -5.40
N GLY A 67 27.35 -20.54 -5.60
CA GLY A 67 27.21 -19.61 -4.52
C GLY A 67 28.42 -18.69 -4.41
N GLY A 68 28.26 -17.72 -3.52
CA GLY A 68 29.27 -16.68 -3.39
C GLY A 68 28.88 -15.66 -2.33
N LEU A 69 29.72 -14.65 -2.21
CA LEU A 69 29.48 -13.55 -1.27
C LEU A 69 29.60 -12.21 -1.98
N MET A 70 28.72 -11.28 -1.63
CA MET A 70 28.76 -9.95 -2.23
C MET A 70 30.09 -9.28 -1.94
N ASP A 71 30.63 -9.46 -0.74
CA ASP A 71 31.91 -8.83 -0.40
C ASP A 71 33.03 -9.33 -1.29
N TYR A 72 33.01 -10.62 -1.65
CA TYR A 72 34.02 -11.14 -2.55
C TYR A 72 33.86 -10.54 -3.95
N ALA A 73 32.62 -10.26 -4.34
CA ALA A 73 32.37 -9.57 -5.60
C ALA A 73 32.92 -8.14 -5.56
N PHE A 74 32.70 -7.41 -4.47
CA PHE A 74 33.24 -6.06 -4.41
C PHE A 74 34.76 -6.09 -4.44
N GLN A 75 35.36 -7.11 -3.80
CA GLN A 75 36.80 -7.25 -3.84
C GLN A 75 37.28 -7.52 -5.25
N TYR A 76 36.52 -8.32 -6.01
CA TYR A 76 36.92 -8.61 -7.38
C TYR A 76 36.96 -7.34 -8.22
N VAL A 77 35.92 -6.51 -8.13
CA VAL A 77 35.89 -5.29 -8.91
C VAL A 77 37.10 -4.43 -8.56
N GLN A 78 37.47 -4.38 -7.28
CA GLN A 78 38.65 -3.60 -6.90
C GLN A 78 39.93 -4.22 -7.45
N ASP A 79 40.14 -5.52 -7.20
CA ASP A 79 41.37 -6.18 -7.62
C ASP A 79 41.52 -6.11 -9.12
N ASN A 80 40.41 -6.25 -9.83
CA ASN A 80 40.35 -6.36 -11.27
C ASN A 80 40.47 -5.01 -11.96
N GLY A 81 40.19 -3.94 -11.24
CA GLY A 81 40.16 -2.63 -11.84
C GLY A 81 38.97 -2.35 -12.72
N GLY A 82 37.86 -3.06 -12.54
CA GLY A 82 36.69 -2.76 -13.35
C GLY A 82 35.70 -3.90 -13.36
N LEU A 83 34.57 -3.62 -14.03
CA LEU A 83 33.46 -4.54 -14.18
C LEU A 83 32.70 -4.13 -15.43
N ASP A 84 32.41 -5.09 -16.29
CA ASP A 84 31.76 -4.80 -17.56
C ASP A 84 30.27 -4.52 -17.36
N SER A 85 29.70 -3.84 -18.35
CA SER A 85 28.26 -3.58 -18.35
C SER A 85 27.48 -4.83 -18.68
N GLU A 86 26.22 -4.84 -18.21
CA GLU A 86 25.30 -5.91 -18.54
C GLU A 86 25.11 -6.07 -20.03
N GLU A 87 25.03 -4.96 -20.77
CA GLU A 87 24.84 -5.06 -22.21
C GLU A 87 26.07 -5.64 -22.89
N SER A 88 27.26 -5.34 -22.37
CA SER A 88 28.48 -5.84 -22.99
C SER A 88 28.78 -7.30 -22.66
N TYR A 89 28.28 -7.81 -21.54
CA TYR A 89 28.68 -9.12 -21.00
C TYR A 89 27.42 -9.73 -20.41
N PRO A 90 26.50 -10.18 -21.27
CA PRO A 90 25.14 -10.47 -20.80
C PRO A 90 25.06 -11.78 -20.04
N TYR A 91 23.94 -11.94 -19.36
CA TYR A 91 23.76 -13.00 -18.39
C TYR A 91 23.29 -14.27 -19.10
N GLU A 92 23.98 -15.36 -18.84
CA GLU A 92 23.66 -16.65 -19.45
C GLU A 92 23.28 -17.72 -18.45
N ALA A 93 23.36 -17.45 -17.13
CA ALA A 93 22.90 -18.35 -16.08
C ALA A 93 23.65 -19.68 -16.06
N THR A 94 24.92 -19.64 -16.43
CA THR A 94 25.77 -20.83 -16.41
C THR A 94 27.19 -20.32 -16.25
N GLU A 95 28.00 -21.05 -15.49
CA GLU A 95 29.38 -20.62 -15.27
C GLU A 95 30.21 -20.98 -16.50
N GLU A 96 31.01 -20.03 -16.96
CA GLU A 96 31.86 -20.21 -18.13
C GLU A 96 33.20 -19.60 -17.78
N SER A 97 34.15 -19.66 -18.69
CA SER A 97 35.43 -19.02 -18.43
C SER A 97 35.30 -17.51 -18.49
N CYS A 98 36.22 -16.83 -17.81
CA CYS A 98 36.17 -15.37 -17.70
C CYS A 98 36.48 -14.69 -19.03
N LYS A 99 35.59 -13.77 -19.41
CA LYS A 99 35.69 -13.03 -20.66
C LYS A 99 35.76 -11.52 -20.41
N TYR A 100 36.15 -11.11 -19.22
CA TYR A 100 36.23 -9.70 -18.90
C TYR A 100 37.08 -8.96 -19.91
N ASN A 101 36.59 -7.82 -20.36
CA ASN A 101 37.30 -6.94 -21.28
C ASN A 101 37.32 -5.55 -20.65
N PRO A 102 38.50 -5.00 -20.30
CA PRO A 102 38.52 -3.69 -19.63
C PRO A 102 37.98 -2.56 -20.47
N LYS A 103 38.02 -2.68 -21.80
CA LYS A 103 37.52 -1.62 -22.65
C LYS A 103 36.04 -1.36 -22.38
N TYR A 104 35.32 -2.38 -21.94
CA TYR A 104 33.88 -2.26 -21.69
C TYR A 104 33.54 -2.11 -20.23
N SER A 105 34.54 -1.85 -19.39
CA SER A 105 34.29 -1.63 -17.97
C SER A 105 33.58 -0.30 -17.78
N VAL A 106 32.54 -0.30 -16.92
CA VAL A 106 31.76 0.89 -16.65
C VAL A 106 31.66 1.18 -15.16
N ALA A 107 32.31 0.38 -14.31
CA ALA A 107 32.22 0.54 -12.87
C ALA A 107 33.53 0.11 -12.21
N ASN A 108 33.73 0.65 -11.02
CA ASN A 108 34.91 0.41 -10.19
C ASN A 108 34.48 0.52 -8.74
N ASP A 109 35.28 -0.05 -7.83
CA ASP A 109 35.14 0.27 -6.42
C ASP A 109 36.50 0.15 -5.75
N ALA A 110 36.58 0.74 -4.55
CA ALA A 110 37.82 0.81 -3.78
C ALA A 110 37.73 -0.04 -2.53
N GLY A 111 36.90 -1.07 -2.55
CA GLY A 111 36.69 -1.88 -1.38
C GLY A 111 35.23 -1.86 -0.98
N PHE A 112 34.95 -2.15 0.28
CA PHE A 112 33.58 -2.27 0.75
C PHE A 112 33.56 -1.99 2.23
N VAL A 113 32.35 -1.83 2.75
CA VAL A 113 32.10 -1.57 4.15
C VAL A 113 31.10 -2.61 4.63
N ASP A 114 31.45 -3.33 5.70
CA ASP A 114 30.50 -4.20 6.37
C ASP A 114 29.78 -3.41 7.46
N ILE A 115 28.48 -3.62 7.56
CA ILE A 115 27.61 -2.92 8.51
C ILE A 115 27.51 -3.79 9.76
N PRO A 116 27.57 -3.22 10.97
CA PRO A 116 27.37 -4.03 12.16
C PRO A 116 26.06 -4.80 12.10
N LYS A 117 26.02 -5.94 12.80
CA LYS A 117 24.92 -6.88 12.68
C LYS A 117 23.76 -6.47 13.60
N GLN A 118 23.21 -5.30 13.30
CA GLN A 118 22.03 -4.80 14.01
C GLN A 118 21.12 -4.09 13.02
N GLU A 119 19.82 -4.25 13.20
CA GLU A 119 18.87 -3.61 12.30
C GLU A 119 18.94 -2.10 12.40
N LYS A 120 19.33 -1.57 13.56
CA LYS A 120 19.46 -0.12 13.67
C LYS A 120 20.61 0.40 12.83
N ALA A 121 21.70 -0.36 12.76
CA ALA A 121 22.84 0.03 11.93
C ALA A 121 22.49 -0.11 10.44
N LEU A 122 21.78 -1.17 10.09
CA LEU A 122 21.34 -1.33 8.72
C LEU A 122 20.47 -0.16 8.30
N MET A 123 19.58 0.30 9.19
CA MET A 123 18.73 1.43 8.86
C MET A 123 19.55 2.68 8.59
N LYS A 124 20.52 2.98 9.46
CA LYS A 124 21.38 4.14 9.24
C LYS A 124 22.13 4.04 7.92
N ALA A 125 22.61 2.85 7.58
CA ALA A 125 23.29 2.65 6.30
C ALA A 125 22.35 2.89 5.14
N VAL A 126 21.16 2.28 5.18
CA VAL A 126 20.19 2.49 4.10
C VAL A 126 19.86 3.97 3.96
N ALA A 127 19.67 4.65 5.10
CA ALA A 127 19.23 6.04 5.05
C ALA A 127 20.30 6.97 4.47
N THR A 128 21.58 6.63 4.60
CA THR A 128 22.64 7.57 4.26
C THR A 128 23.52 7.16 3.08
N VAL A 129 23.46 5.92 2.63
CA VAL A 129 24.37 5.40 1.63
C VAL A 129 23.65 5.16 0.30
N GLY A 130 22.53 4.45 0.34
CA GLY A 130 21.92 3.92 -0.84
C GLY A 130 21.54 2.47 -0.64
N PRO A 131 21.22 1.77 -1.72
CA PRO A 131 20.88 0.34 -1.61
C PRO A 131 22.01 -0.47 -1.00
N ILE A 132 21.65 -1.43 -0.14
CA ILE A 132 22.58 -2.21 0.66
C ILE A 132 22.42 -3.68 0.34
N SER A 133 23.55 -4.35 0.07
CA SER A 133 23.58 -5.80 -0.09
C SER A 133 23.35 -6.49 1.23
N VAL A 134 22.44 -7.48 1.23
CA VAL A 134 22.13 -8.25 2.43
C VAL A 134 21.91 -9.69 2.01
N ALA A 135 21.99 -10.59 3.00
CA ALA A 135 21.62 -11.98 2.83
C ALA A 135 20.48 -12.31 3.77
N ILE A 136 19.54 -13.14 3.29
CA ILE A 136 18.39 -13.57 4.09
C ILE A 136 18.21 -15.08 3.99
N ASP A 137 17.49 -15.63 4.98
CA ASP A 137 16.93 -16.97 4.90
C ASP A 137 15.69 -16.91 4.04
N ALA A 138 15.84 -17.27 2.75
CA ALA A 138 14.73 -17.37 1.82
C ALA A 138 14.26 -18.81 1.61
N GLY A 139 14.71 -19.73 2.46
CA GLY A 139 14.50 -21.16 2.21
C GLY A 139 13.19 -21.70 2.73
N HIS A 140 12.09 -21.00 2.46
CA HIS A 140 10.78 -21.42 2.93
C HIS A 140 9.75 -21.25 1.83
N GLU A 141 8.79 -22.19 1.79
CA GLU A 141 7.76 -22.16 0.76
C GLU A 141 7.03 -20.83 0.76
N SER A 142 6.79 -20.25 1.95
CA SER A 142 6.09 -18.97 2.03
C SER A 142 6.78 -17.89 1.21
N PHE A 143 8.11 -17.92 1.12
CA PHE A 143 8.83 -16.90 0.37
C PHE A 143 8.58 -17.06 -1.13
N LEU A 144 8.50 -18.31 -1.60
CA LEU A 144 8.24 -18.56 -3.01
C LEU A 144 6.90 -17.98 -3.45
N PHE A 145 5.89 -18.10 -2.60
CA PHE A 145 4.51 -17.78 -2.94
C PHE A 145 4.11 -16.35 -2.56
N TYR A 146 5.04 -15.57 -1.99
CA TYR A 146 4.75 -14.22 -1.53
C TYR A 146 4.16 -13.38 -2.65
N LYS A 147 3.05 -12.70 -2.34
CA LYS A 147 2.37 -11.82 -3.29
C LYS A 147 2.42 -10.35 -2.88
N GLU A 148 2.26 -10.05 -1.60
CA GLU A 148 2.20 -8.66 -1.12
C GLU A 148 2.23 -8.65 0.40
N GLY A 149 2.22 -7.45 0.97
CA GLY A 149 2.24 -7.30 2.41
C GLY A 149 3.62 -7.48 3.01
N ILE A 150 3.65 -7.58 4.33
CA ILE A 150 4.91 -7.72 5.06
C ILE A 150 5.15 -9.20 5.29
N TYR A 151 6.27 -9.67 4.77
CA TYR A 151 6.66 -11.07 4.88
C TYR A 151 7.16 -11.36 6.29
N PHE A 152 6.48 -12.28 6.98
CA PHE A 152 6.95 -12.75 8.27
C PHE A 152 6.85 -14.28 8.31
N GLU A 153 7.98 -14.93 8.55
CA GLU A 153 8.03 -16.40 8.55
C GLU A 153 8.51 -16.89 9.91
N PRO A 154 7.65 -17.51 10.73
CA PRO A 154 8.10 -17.85 12.09
C PRO A 154 9.29 -18.79 12.13
N ASP A 155 9.48 -19.61 11.10
N ASP A 155 9.48 -19.61 11.10
CA ASP A 155 10.59 -20.56 11.05
CA ASP A 155 10.60 -20.55 11.07
C ASP A 155 11.88 -19.95 10.51
C ASP A 155 11.87 -19.95 10.49
N CYS A 156 11.89 -18.64 10.26
CA CYS A 156 13.06 -18.03 9.64
C CYS A 156 14.24 -17.94 10.60
N SER A 157 15.42 -18.16 10.07
CA SER A 157 16.66 -18.13 10.86
C SER A 157 17.34 -16.78 10.71
N SER A 158 17.82 -16.25 11.83
N SER A 158 17.82 -16.24 11.83
CA SER A 158 18.60 -15.01 11.83
CA SER A 158 18.60 -15.01 11.83
C SER A 158 20.09 -15.28 11.67
C SER A 158 20.09 -15.28 11.67
N GLU A 159 20.49 -16.55 11.64
CA GLU A 159 21.88 -16.94 11.59
C GLU A 159 22.27 -17.64 10.29
N ASP A 160 21.37 -18.35 9.66
CA ASP A 160 21.67 -19.21 8.52
C ASP A 160 20.96 -18.65 7.30
N MET A 161 21.61 -17.72 6.62
CA MET A 161 21.06 -17.09 5.43
C MET A 161 21.51 -17.84 4.19
N ASP A 162 20.65 -17.86 3.17
CA ASP A 162 20.99 -18.59 1.96
C ASP A 162 20.77 -17.80 0.66
N HIS A 163 20.49 -16.50 0.74
CA HIS A 163 20.07 -15.78 -0.45
C HIS A 163 20.46 -14.32 -0.35
N GLY A 164 21.28 -13.86 -1.30
CA GLY A 164 21.70 -12.48 -1.36
C GLY A 164 20.66 -11.68 -2.12
N VAL A 165 20.28 -10.54 -1.55
CA VAL A 165 19.27 -9.64 -2.12
C VAL A 165 19.72 -8.22 -1.82
N LEU A 166 18.88 -7.24 -2.17
CA LEU A 166 19.23 -5.83 -2.07
C LEU A 166 18.15 -5.05 -1.35
N VAL A 167 18.53 -4.40 -0.26
CA VAL A 167 17.63 -3.49 0.44
C VAL A 167 17.69 -2.14 -0.24
N VAL A 168 16.56 -1.70 -0.81
CA VAL A 168 16.52 -0.40 -1.48
C VAL A 168 15.79 0.65 -0.67
N GLY A 169 15.27 0.30 0.50
CA GLY A 169 14.56 1.26 1.32
C GLY A 169 13.88 0.56 2.48
N TYR A 170 13.01 1.30 3.17
CA TYR A 170 12.26 0.74 4.27
C TYR A 170 11.06 1.66 4.52
N GLY A 171 10.09 1.15 5.26
CA GLY A 171 8.91 1.96 5.53
C GLY A 171 7.97 1.27 6.47
N PHE A 172 6.69 1.63 6.38
CA PHE A 172 5.69 1.08 7.27
C PHE A 172 4.35 1.03 6.56
N GLU A 173 3.50 0.10 7.02
CA GLU A 173 2.10 0.13 6.67
C GLU A 173 1.33 -0.58 7.78
N SER A 174 0.12 -0.11 8.04
CA SER A 174 -0.66 -0.67 9.14
C SER A 174 -1.03 -2.11 8.87
N THR A 175 -0.92 -2.96 9.89
CA THR A 175 -1.26 -4.36 9.78
C THR A 175 -2.11 -4.83 10.96
N GLU A 176 -2.71 -6.00 10.80
CA GLU A 176 -3.48 -6.63 11.86
C GLU A 176 -2.69 -6.78 13.15
N SER A 177 -1.44 -7.23 13.05
CA SER A 177 -0.64 -7.58 14.22
C SER A 177 0.08 -6.38 14.82
N ASP A 178 0.01 -5.22 14.16
CA ASP A 178 0.70 -3.99 14.52
C ASP A 178 2.21 -4.12 14.48
N ASN A 179 2.71 -5.15 13.81
CA ASN A 179 4.11 -5.20 13.37
C ASN A 179 4.13 -4.56 11.98
N ASN A 180 4.37 -3.24 11.95
CA ASN A 180 4.07 -2.44 10.76
C ASN A 180 5.29 -2.07 9.92
N LYS A 181 6.51 -2.36 10.36
CA LYS A 181 7.69 -1.85 9.67
C LYS A 181 8.26 -2.92 8.75
N TYR A 182 8.84 -2.46 7.63
CA TYR A 182 9.42 -3.37 6.67
C TYR A 182 10.65 -2.80 5.99
N TRP A 183 11.49 -3.72 5.54
CA TRP A 183 12.58 -3.47 4.60
C TRP A 183 12.05 -3.71 3.19
N LEU A 184 12.34 -2.79 2.28
CA LEU A 184 11.95 -2.92 0.88
C LEU A 184 13.10 -3.60 0.13
N VAL A 185 12.86 -4.80 -0.38
CA VAL A 185 13.91 -5.69 -0.85
C VAL A 185 13.69 -6.03 -2.31
N LYS A 186 14.73 -5.82 -3.11
CA LYS A 186 14.77 -6.19 -4.51
C LYS A 186 15.31 -7.62 -4.61
N ASN A 187 14.54 -8.51 -5.23
CA ASN A 187 14.96 -9.89 -5.50
C ASN A 187 15.46 -9.98 -6.94
N SER A 188 15.94 -11.17 -7.31
CA SER A 188 16.50 -11.43 -8.62
C SER A 188 15.82 -12.65 -9.24
N TRP A 189 14.50 -12.76 -9.08
CA TRP A 189 13.72 -13.89 -9.58
C TRP A 189 12.71 -13.45 -10.63
N GLY A 190 12.93 -12.28 -11.23
CA GLY A 190 12.01 -11.75 -12.22
C GLY A 190 10.90 -10.96 -11.57
N GLU A 191 10.18 -10.21 -12.39
CA GLU A 191 9.14 -9.34 -11.85
C GLU A 191 7.83 -10.07 -11.58
N GLU A 192 7.72 -11.34 -12.01
N GLU A 192 7.69 -11.32 -12.04
CA GLU A 192 6.53 -12.15 -11.76
CA GLU A 192 6.49 -12.09 -11.73
C GLU A 192 6.52 -12.77 -10.37
C GLU A 192 6.49 -12.53 -10.27
N TRP A 193 7.65 -12.77 -9.69
CA TRP A 193 7.72 -13.13 -8.28
C TRP A 193 7.33 -11.95 -7.42
N GLY A 194 6.64 -12.23 -6.32
CA GLY A 194 6.35 -11.19 -5.34
C GLY A 194 5.61 -10.01 -5.93
N MET A 195 5.97 -8.81 -5.45
N MET A 195 5.97 -8.82 -5.44
CA MET A 195 5.28 -7.58 -5.86
CA MET A 195 5.32 -7.56 -5.84
C MET A 195 6.15 -6.88 -6.91
C MET A 195 6.19 -6.90 -6.90
N GLY A 196 6.01 -7.33 -8.15
CA GLY A 196 6.86 -6.82 -9.20
C GLY A 196 8.33 -7.15 -8.99
N GLY A 197 8.61 -8.26 -8.33
CA GLY A 197 9.98 -8.66 -8.04
C GLY A 197 10.50 -8.21 -6.69
N TYR A 198 9.71 -7.46 -5.92
CA TYR A 198 10.07 -6.91 -4.63
C TYR A 198 9.31 -7.62 -3.51
N VAL A 199 9.88 -7.55 -2.31
CA VAL A 199 9.24 -8.06 -1.10
C VAL A 199 9.47 -7.08 0.04
N LYS A 200 8.44 -6.89 0.85
CA LYS A 200 8.55 -6.15 2.10
C LYS A 200 8.83 -7.16 3.22
N MET A 201 10.04 -7.09 3.77
N MET A 201 10.06 -7.11 3.74
CA MET A 201 10.46 -8.04 4.78
CA MET A 201 10.52 -8.03 4.77
C MET A 201 10.36 -7.41 6.16
C MET A 201 10.35 -7.40 6.16
N ALA A 202 9.86 -8.19 7.11
CA ALA A 202 9.62 -7.68 8.46
C ALA A 202 10.86 -6.98 9.01
N LYS A 203 10.65 -5.76 9.52
CA LYS A 203 11.72 -4.92 10.03
C LYS A 203 11.51 -4.68 11.51
N ASP A 204 12.62 -4.73 12.26
CA ASP A 204 12.61 -4.54 13.72
C ASP A 204 11.78 -5.62 14.41
N ARG A 205 11.86 -6.84 13.85
CA ARG A 205 11.31 -8.05 14.45
C ARG A 205 12.45 -9.03 14.72
N ARG A 206 13.44 -8.60 15.50
CA ARG A 206 14.52 -9.48 15.94
C ARG A 206 15.37 -9.98 14.76
N ASN A 207 15.73 -9.07 13.87
CA ASN A 207 16.59 -9.40 12.73
C ASN A 207 16.03 -10.59 11.95
N HIS A 208 14.78 -10.44 11.52
CA HIS A 208 14.01 -11.51 10.92
C HIS A 208 14.67 -11.98 9.62
N CYS A 209 14.85 -13.30 9.50
CA CYS A 209 15.49 -13.95 8.36
C CYS A 209 16.94 -13.54 8.18
N GLY A 210 17.54 -12.85 9.16
CA GLY A 210 18.95 -12.55 9.11
C GLY A 210 19.33 -11.36 8.26
N ILE A 211 18.39 -10.46 7.99
CA ILE A 211 18.59 -9.39 7.02
C ILE A 211 19.72 -8.45 7.44
N ALA A 212 19.97 -8.30 8.75
CA ALA A 212 21.07 -7.47 9.18
C ALA A 212 22.35 -8.25 9.49
N SER A 213 22.40 -9.54 9.22
CA SER A 213 23.54 -10.33 9.66
C SER A 213 24.70 -10.33 8.66
N ALA A 214 24.48 -9.94 7.42
CA ALA A 214 25.51 -9.95 6.40
C ALA A 214 25.29 -8.79 5.43
N ALA A 215 25.26 -7.57 5.96
CA ALA A 215 24.96 -6.38 5.19
C ALA A 215 26.23 -5.61 4.86
N SER A 216 26.32 -5.13 3.61
CA SER A 216 27.52 -4.44 3.17
C SER A 216 27.23 -3.63 1.91
N TYR A 217 28.20 -2.79 1.55
CA TYR A 217 28.09 -1.99 0.34
C TYR A 217 29.48 -1.66 -0.17
N PRO A 218 29.61 -1.42 -1.48
CA PRO A 218 30.92 -1.07 -2.05
C PRO A 218 31.26 0.40 -1.88
N THR A 219 32.56 0.65 -1.70
N THR A 219 32.56 0.66 -1.70
CA THR A 219 33.09 2.00 -1.61
CA THR A 219 33.04 2.04 -1.57
C THR A 219 33.41 2.48 -3.03
C THR A 219 33.46 2.55 -2.94
N VAL A 220 32.81 3.59 -3.42
CA VAL A 220 33.06 4.16 -4.74
C VAL A 220 33.59 5.57 -4.49
N ALA B 1 -13.75 16.08 3.13
CA ALA B 1 -13.45 16.58 4.49
C ALA B 1 -13.83 18.05 4.63
N PRO B 2 -14.28 18.46 5.81
CA PRO B 2 -14.59 19.88 6.05
C PRO B 2 -13.37 20.74 5.75
N ARG B 3 -13.62 22.03 5.53
CA ARG B 3 -12.50 22.94 5.25
C ARG B 3 -11.72 23.27 6.51
N SER B 4 -12.35 23.18 7.68
CA SER B 4 -11.65 23.39 8.94
C SER B 4 -12.22 22.47 10.00
N VAL B 5 -11.38 22.12 10.98
CA VAL B 5 -11.73 21.19 12.05
C VAL B 5 -11.04 21.67 13.32
N ASP B 6 -11.75 21.62 14.45
CA ASP B 6 -11.14 21.93 15.75
C ASP B 6 -11.82 21.03 16.79
N TRP B 7 -11.17 19.91 17.09
CA TRP B 7 -11.77 18.96 18.02
C TRP B 7 -11.88 19.49 19.46
N ARG B 8 -11.18 20.58 19.80
CA ARG B 8 -11.38 21.16 21.12
C ARG B 8 -12.84 21.58 21.31
N GLU B 9 -13.49 22.01 20.24
CA GLU B 9 -14.87 22.49 20.33
C GLU B 9 -15.87 21.37 20.52
N LYS B 10 -15.49 20.12 20.22
CA LYS B 10 -16.38 18.98 20.40
C LYS B 10 -16.13 18.22 21.69
N GLY B 11 -15.16 18.65 22.52
CA GLY B 11 -14.94 18.02 23.81
C GLY B 11 -13.89 16.93 23.84
N TYR B 12 -13.02 16.85 22.83
CA TYR B 12 -12.10 15.75 22.66
C TYR B 12 -10.73 15.97 23.31
N VAL B 13 -10.45 17.15 23.86
CA VAL B 13 -9.09 17.59 24.10
C VAL B 13 -8.97 18.18 25.50
N THR B 14 -8.05 17.64 26.29
CA THR B 14 -7.77 18.16 27.62
C THR B 14 -6.97 19.46 27.53
N PRO B 15 -6.82 20.17 28.63
CA PRO B 15 -5.95 21.36 28.63
C PRO B 15 -4.51 21.00 28.34
N VAL B 16 -3.74 22.01 27.96
CA VAL B 16 -2.32 21.87 27.73
C VAL B 16 -1.59 21.49 29.01
N LYS B 17 -0.67 20.55 28.86
CA LYS B 17 0.16 19.97 29.92
C LYS B 17 1.59 20.41 29.71
N ASN B 18 2.44 20.08 30.69
CA ASN B 18 3.85 20.45 30.62
C ASN B 18 4.68 19.24 31.04
N GLN B 19 5.45 18.75 30.08
CA GLN B 19 6.34 17.59 30.32
C GLN B 19 7.54 17.99 31.19
N GLY B 20 7.75 19.25 31.47
CA GLY B 20 8.88 19.62 32.30
C GLY B 20 10.20 19.36 31.60
N GLN B 21 11.20 18.91 32.37
CA GLN B 21 12.53 18.66 31.84
C GLN B 21 12.77 17.18 31.56
N CYS B 22 11.71 16.42 31.36
CA CYS B 22 11.75 15.00 31.01
C CYS B 22 11.43 14.86 29.54
N GLY B 23 12.20 14.06 28.82
CA GLY B 23 12.01 13.85 27.40
C GLY B 23 10.89 12.88 27.08
N SER B 24 9.67 13.21 27.54
CA SER B 24 8.50 12.32 27.49
C SER B 24 7.43 12.83 26.55
N CYS B 25 7.82 13.62 25.54
CA CYS B 25 6.89 14.13 24.55
C CYS B 25 6.01 13.03 23.96
N TRP B 26 6.61 11.86 23.72
CA TRP B 26 5.89 10.72 23.18
C TRP B 26 4.71 10.32 24.06
N ALA B 27 4.87 10.46 25.38
CA ALA B 27 3.81 10.06 26.30
C ALA B 27 2.66 11.06 26.30
N PHE B 28 2.97 12.36 26.17
CA PHE B 28 1.93 13.38 26.10
C PHE B 28 1.17 13.31 24.78
N SER B 29 1.87 13.00 23.68
CA SER B 29 1.22 12.85 22.40
C SER B 29 0.29 11.65 22.47
N ALA B 30 0.75 10.56 23.06
CA ALA B 30 -0.09 9.35 23.15
C ALA B 30 -1.31 9.56 24.05
N THR B 31 -1.12 10.16 25.23
CA THR B 31 -2.29 10.37 26.09
C THR B 31 -3.29 11.29 25.38
N GLY B 32 -2.79 12.27 24.64
CA GLY B 32 -3.68 13.13 23.88
C GLY B 32 -4.53 12.37 22.88
N ALA B 33 -3.91 11.47 22.11
CA ALA B 33 -4.68 10.74 21.11
C ALA B 33 -5.62 9.76 21.78
N LEU B 34 -5.18 9.14 22.86
CA LEU B 34 -6.05 8.19 23.56
C LEU B 34 -7.18 8.91 24.29
N GLU B 35 -6.92 10.11 24.83
CA GLU B 35 -8.00 10.92 25.40
C GLU B 35 -9.09 11.21 24.36
N GLY B 36 -8.67 11.57 23.14
CA GLY B 36 -9.65 11.81 22.09
C GLY B 36 -10.43 10.58 21.69
N GLN B 37 -9.76 9.43 21.57
CA GLN B 37 -10.49 8.23 21.14
C GLN B 37 -11.38 7.69 22.23
N MET B 38 -10.94 7.76 23.49
CA MET B 38 -11.83 7.40 24.59
C MET B 38 -13.06 8.30 24.60
N PHE B 39 -12.88 9.58 24.34
CA PHE B 39 -14.05 10.46 24.29
C PHE B 39 -14.97 10.09 23.13
N ARG B 40 -14.38 9.80 21.97
CA ARG B 40 -15.16 9.38 20.80
C ARG B 40 -16.05 8.21 21.14
N LYS B 41 -15.54 7.27 21.93
CA LYS B 41 -16.23 6.02 22.14
C LYS B 41 -17.06 5.99 23.42
N THR B 42 -16.77 6.83 24.41
CA THR B 42 -17.54 6.81 25.64
C THR B 42 -18.27 8.12 25.94
N GLY B 43 -17.93 9.21 25.26
CA GLY B 43 -18.48 10.51 25.59
C GLY B 43 -17.89 11.16 26.82
N ARG B 44 -16.84 10.60 27.41
CA ARG B 44 -16.21 11.18 28.57
C ARG B 44 -14.75 11.52 28.28
N LEU B 45 -14.38 12.73 28.63
CA LEU B 45 -12.99 13.19 28.54
C LEU B 45 -12.37 13.04 29.92
N ILE B 46 -11.42 12.11 30.04
CA ILE B 46 -10.68 11.91 31.27
C ILE B 46 -9.19 12.03 30.96
N SER B 47 -8.52 12.94 31.66
CA SER B 47 -7.09 13.13 31.48
C SER B 47 -6.34 11.89 31.93
N LEU B 48 -5.39 11.46 31.11
CA LEU B 48 -4.69 10.20 31.28
C LEU B 48 -3.25 10.43 31.71
N SER B 49 -2.65 9.38 32.26
CA SER B 49 -1.41 9.50 33.02
C SER B 49 -0.19 9.26 32.12
N GLU B 50 0.56 10.32 31.87
CA GLU B 50 1.86 10.18 31.20
C GLU B 50 2.84 9.44 32.08
N GLN B 51 2.78 9.65 33.40
CA GLN B 51 3.70 8.96 34.30
C GLN B 51 3.56 7.45 34.20
N ASN B 52 2.32 6.95 34.14
CA ASN B 52 2.03 5.53 33.88
C ASN B 52 2.84 5.03 32.69
N LEU B 53 2.83 5.80 31.61
CA LEU B 53 3.55 5.40 30.40
C LEU B 53 5.06 5.47 30.60
N VAL B 54 5.56 6.56 31.19
CA VAL B 54 7.00 6.69 31.42
C VAL B 54 7.52 5.55 32.30
N ASP B 55 6.76 5.18 33.33
CA ASP B 55 7.23 4.23 34.32
C ASP B 55 7.08 2.79 33.84
N CYS B 56 6.10 2.51 32.98
CA CYS B 56 5.64 1.16 32.75
C CYS B 56 5.77 0.63 31.33
N SER B 57 6.01 1.48 30.33
CA SER B 57 5.97 0.99 28.95
C SER B 57 7.35 0.71 28.36
N GLY B 58 8.37 0.50 29.21
CA GLY B 58 9.64 0.00 28.73
C GLY B 58 9.59 -1.31 27.98
N PRO B 59 8.75 -2.27 28.39
CA PRO B 59 8.73 -3.56 27.67
C PRO B 59 8.23 -3.43 26.24
N GLN B 60 7.54 -2.35 25.90
CA GLN B 60 7.09 -2.10 24.56
C GLN B 60 8.10 -1.31 23.73
N GLY B 61 9.19 -0.85 24.35
CA GLY B 61 10.25 -0.16 23.65
C GLY B 61 10.52 1.24 24.11
N ASN B 62 9.75 1.78 25.04
CA ASN B 62 9.91 3.15 25.46
C ASN B 62 11.02 3.28 26.49
N GLU B 63 11.60 4.47 26.55
CA GLU B 63 12.77 4.75 27.36
C GLU B 63 12.51 5.93 28.30
N GLY B 64 11.28 6.09 28.77
CA GLY B 64 10.99 7.06 29.80
C GLY B 64 11.34 8.47 29.37
N CYS B 65 12.13 9.15 30.19
CA CYS B 65 12.56 10.51 29.89
C CYS B 65 13.64 10.58 28.81
N ASN B 66 14.13 9.43 28.33
CA ASN B 66 15.10 9.38 27.26
C ASN B 66 14.45 9.18 25.90
N GLY B 67 13.13 9.18 25.82
CA GLY B 67 12.44 9.16 24.55
C GLY B 67 11.58 7.92 24.40
N GLY B 68 10.79 7.93 23.34
CA GLY B 68 9.92 6.82 23.06
C GLY B 68 9.03 7.13 21.87
N LEU B 69 8.09 6.22 21.65
CA LEU B 69 7.24 6.28 20.46
C LEU B 69 5.80 6.17 20.91
N MET B 70 4.93 6.99 20.32
CA MET B 70 3.51 6.92 20.63
C MET B 70 2.95 5.54 20.37
N ASP B 71 3.37 4.89 19.28
CA ASP B 71 2.83 3.57 18.99
C ASP B 71 3.19 2.56 20.06
N TYR B 72 4.39 2.68 20.62
CA TYR B 72 4.78 1.80 21.73
C TYR B 72 3.90 2.04 22.95
N ALA B 73 3.51 3.30 23.18
CA ALA B 73 2.58 3.60 24.25
C ALA B 73 1.20 3.00 23.98
N PHE B 74 0.72 3.09 22.72
CA PHE B 74 -0.56 2.46 22.41
C PHE B 74 -0.47 0.94 22.59
N GLN B 75 0.70 0.36 22.26
CA GLN B 75 0.86 -1.09 22.45
C GLN B 75 0.82 -1.46 23.92
N TYR B 76 1.45 -0.64 24.76
CA TYR B 76 1.44 -0.91 26.19
C TYR B 76 0.03 -0.96 26.73
N VAL B 77 -0.80 0.01 26.36
CA VAL B 77 -2.16 0.05 26.88
C VAL B 77 -2.89 -1.24 26.53
N GLN B 78 -2.67 -1.74 25.31
CA GLN B 78 -3.31 -2.99 24.91
C GLN B 78 -2.75 -4.17 25.69
N ASP B 79 -1.42 -4.30 25.74
CA ASP B 79 -0.80 -5.41 26.46
C ASP B 79 -1.19 -5.40 27.93
N ASN B 80 -1.23 -4.20 28.52
CA ASN B 80 -1.49 -4.00 29.93
C ASN B 80 -2.93 -4.13 30.30
N GLY B 81 -3.84 -3.95 29.35
CA GLY B 81 -5.25 -3.98 29.66
C GLY B 81 -5.82 -2.70 30.23
N GLY B 82 -5.06 -1.62 30.26
CA GLY B 82 -5.59 -0.38 30.79
C GLY B 82 -4.50 0.68 30.93
N LEU B 83 -4.96 1.85 31.36
CA LEU B 83 -4.11 3.01 31.62
C LEU B 83 -4.79 3.84 32.70
N ASP B 84 -4.01 4.25 33.71
CA ASP B 84 -4.58 5.01 34.82
C ASP B 84 -4.80 6.48 34.42
N SER B 85 -5.73 7.11 35.14
CA SER B 85 -6.01 8.52 34.95
C SER B 85 -4.87 9.39 35.45
N GLU B 86 -4.73 10.57 34.85
CA GLU B 86 -3.82 11.59 35.34
C GLU B 86 -4.00 11.85 36.83
N GLU B 87 -5.25 11.95 37.29
CA GLU B 87 -5.50 12.26 38.70
C GLU B 87 -4.96 11.18 39.61
N SER B 88 -5.13 9.90 39.23
CA SER B 88 -4.74 8.78 40.06
C SER B 88 -3.24 8.51 40.03
N TYR B 89 -2.55 8.98 39.00
CA TYR B 89 -1.14 8.63 38.75
C TYR B 89 -0.47 9.87 38.22
N PRO B 90 -0.25 10.87 39.08
CA PRO B 90 0.14 12.20 38.58
C PRO B 90 1.57 12.21 38.06
N TYR B 91 1.88 13.31 37.37
CA TYR B 91 3.10 13.43 36.60
C TYR B 91 4.24 13.98 37.46
N GLU B 92 5.35 13.25 37.49
CA GLU B 92 6.51 13.61 38.30
C GLU B 92 7.69 14.13 37.49
N ALA B 93 7.68 13.97 36.17
CA ALA B 93 8.74 14.45 35.27
C ALA B 93 10.10 13.81 35.55
N THR B 94 10.09 12.57 35.99
CA THR B 94 11.28 11.74 36.14
C THR B 94 10.80 10.30 36.13
N GLU B 95 11.64 9.39 35.66
CA GLU B 95 11.24 7.99 35.57
C GLU B 95 11.34 7.32 36.94
N GLU B 96 10.31 6.55 37.28
CA GLU B 96 10.27 5.77 38.51
C GLU B 96 9.74 4.38 38.19
N SER B 97 9.74 3.52 39.21
CA SER B 97 9.18 2.17 39.05
C SER B 97 7.68 2.26 38.79
N CYS B 98 7.18 1.30 38.02
CA CYS B 98 5.79 1.26 37.62
C CYS B 98 4.86 1.09 38.81
N LYS B 99 3.84 1.94 38.89
CA LYS B 99 2.84 1.84 39.96
C LYS B 99 1.43 1.75 39.40
N TYR B 100 1.30 1.17 38.21
CA TYR B 100 -0.01 0.94 37.61
C TYR B 100 -0.92 0.15 38.54
N ASN B 101 -2.16 0.61 38.65
CA ASN B 101 -3.21 -0.06 39.43
C ASN B 101 -4.44 -0.21 38.53
N PRO B 102 -4.84 -1.43 38.17
CA PRO B 102 -6.02 -1.57 37.29
C PRO B 102 -7.30 -0.99 37.89
N LYS B 103 -7.38 -0.84 39.21
CA LYS B 103 -8.60 -0.28 39.80
C LYS B 103 -8.85 1.14 39.31
N TYR B 104 -7.78 1.83 38.94
CA TYR B 104 -7.85 3.22 38.50
C TYR B 104 -7.75 3.35 36.99
N SER B 105 -7.84 2.26 36.25
CA SER B 105 -7.79 2.36 34.80
C SER B 105 -9.04 3.06 34.27
N VAL B 106 -8.83 3.95 33.30
CA VAL B 106 -9.92 4.66 32.65
C VAL B 106 -9.86 4.60 31.13
N ALA B 107 -8.91 3.87 30.56
CA ALA B 107 -8.73 3.85 29.11
C ALA B 107 -8.17 2.50 28.73
N ASN B 108 -8.31 2.19 27.42
CA ASN B 108 -8.00 0.88 26.89
C ASN B 108 -7.86 1.04 25.38
N ASP B 109 -7.17 0.09 24.74
CA ASP B 109 -7.19 0.06 23.30
C ASP B 109 -6.85 -1.35 22.83
N ALA B 110 -7.06 -1.56 21.53
CA ALA B 110 -6.78 -2.83 20.87
C ALA B 110 -5.82 -2.61 19.73
N GLY B 111 -4.72 -1.89 20.04
CA GLY B 111 -3.68 -1.62 19.07
C GLY B 111 -3.69 -0.20 18.54
N PHE B 112 -3.19 -0.01 17.32
CA PHE B 112 -3.06 1.33 16.79
C PHE B 112 -3.04 1.30 15.27
N VAL B 113 -3.19 2.48 14.69
CA VAL B 113 -3.30 2.69 13.26
C VAL B 113 -2.20 3.65 12.87
N ASP B 114 -1.31 3.24 11.97
CA ASP B 114 -0.35 4.13 11.35
C ASP B 114 -0.95 4.65 10.04
N ILE B 115 -1.09 5.97 9.95
CA ILE B 115 -1.68 6.61 8.77
C ILE B 115 -0.60 6.70 7.70
N PRO B 116 -0.92 6.48 6.42
CA PRO B 116 0.13 6.58 5.40
C PRO B 116 0.69 7.99 5.31
N LYS B 117 1.90 8.08 4.75
CA LYS B 117 2.69 9.31 4.72
C LYS B 117 2.21 10.25 3.62
N GLN B 118 0.99 10.74 3.80
CA GLN B 118 0.44 11.77 2.92
C GLN B 118 -0.37 12.75 3.76
N GLU B 119 -0.14 14.04 3.54
CA GLU B 119 -0.90 15.05 4.27
C GLU B 119 -2.39 14.96 3.95
N LYS B 120 -2.75 14.49 2.75
CA LYS B 120 -4.17 14.31 2.44
C LYS B 120 -4.78 13.19 3.29
N ALA B 121 -4.01 12.13 3.53
CA ALA B 121 -4.48 11.06 4.40
C ALA B 121 -4.57 11.54 5.84
N LEU B 122 -3.60 12.36 6.27
CA LEU B 122 -3.68 12.94 7.61
C LEU B 122 -4.91 13.81 7.75
N MET B 123 -5.22 14.63 6.73
CA MET B 123 -6.43 15.44 6.79
C MET B 123 -7.68 14.60 6.97
N LYS B 124 -7.82 13.53 6.17
CA LYS B 124 -9.01 12.69 6.29
C LYS B 124 -9.10 12.06 7.68
N ALA B 125 -7.95 11.64 8.22
CA ALA B 125 -7.93 11.07 9.56
C ALA B 125 -8.36 12.10 10.60
N VAL B 126 -7.79 13.30 10.55
CA VAL B 126 -8.18 14.33 11.50
C VAL B 126 -9.67 14.63 11.38
N ALA B 127 -10.18 14.67 10.15
CA ALA B 127 -11.60 14.99 9.97
C ALA B 127 -12.52 13.91 10.47
N THR B 128 -12.09 12.64 10.45
CA THR B 128 -13.03 11.54 10.67
C THR B 128 -12.72 10.68 11.89
N VAL B 129 -11.55 10.84 12.50
CA VAL B 129 -11.14 10.04 13.64
C VAL B 129 -11.11 10.86 14.92
N GLY B 130 -10.53 12.05 14.88
CA GLY B 130 -10.29 12.81 16.07
C GLY B 130 -8.86 13.29 16.10
N PRO B 131 -8.37 13.71 17.26
CA PRO B 131 -6.96 14.10 17.35
C PRO B 131 -6.01 12.97 17.02
N ILE B 132 -4.90 13.32 16.36
CA ILE B 132 -3.95 12.36 15.83
C ILE B 132 -2.58 12.63 16.41
N SER B 133 -1.90 11.59 16.88
CA SER B 133 -0.50 11.72 17.28
C SER B 133 0.38 11.91 16.05
N VAL B 134 1.32 12.86 16.14
CA VAL B 134 2.28 13.06 15.06
C VAL B 134 3.65 13.34 15.67
N ALA B 135 4.67 13.14 14.85
CA ALA B 135 6.03 13.55 15.18
C ALA B 135 6.45 14.64 14.21
N ILE B 136 7.16 15.64 14.72
CA ILE B 136 7.67 16.73 13.88
C ILE B 136 9.14 16.95 14.20
N ASP B 137 9.82 17.55 13.22
CA ASP B 137 11.14 18.15 13.40
C ASP B 137 10.93 19.49 14.11
N ALA B 138 11.15 19.47 15.42
CA ALA B 138 11.07 20.65 16.27
C ALA B 138 12.45 21.18 16.63
N GLY B 139 13.50 20.67 15.98
CA GLY B 139 14.86 20.92 16.39
C GLY B 139 15.42 22.22 15.85
N HIS B 140 14.70 23.32 16.02
CA HIS B 140 15.09 24.62 15.50
C HIS B 140 14.70 25.70 16.49
N GLU B 141 15.54 26.72 16.61
CA GLU B 141 15.23 27.76 17.59
C GLU B 141 13.89 28.43 17.26
N SER B 142 13.55 28.52 15.97
CA SER B 142 12.28 29.12 15.59
C SER B 142 11.11 28.43 16.26
N PHE B 143 11.18 27.11 16.44
CA PHE B 143 10.11 26.39 17.12
C PHE B 143 10.11 26.71 18.60
N LEU B 144 11.30 26.71 19.22
CA LEU B 144 11.40 27.06 20.64
C LEU B 144 10.81 28.43 20.94
N PHE B 145 11.06 29.41 20.05
CA PHE B 145 10.63 30.79 20.26
C PHE B 145 9.26 31.11 19.67
N TYR B 146 8.56 30.10 19.13
CA TYR B 146 7.30 30.36 18.47
C TYR B 146 6.30 31.01 19.43
N LYS B 147 5.60 32.00 18.93
CA LYS B 147 4.62 32.73 19.73
C LYS B 147 3.25 32.80 19.06
N GLU B 148 3.18 33.05 17.75
CA GLU B 148 1.92 33.19 17.05
C GLU B 148 2.18 33.01 15.56
N GLY B 149 1.10 32.82 14.81
CA GLY B 149 1.20 32.74 13.36
C GLY B 149 1.36 31.33 12.82
N ILE B 150 1.55 31.27 11.50
CA ILE B 150 1.69 30.00 10.80
C ILE B 150 3.17 29.64 10.78
N TYR B 151 3.51 28.58 11.48
CA TYR B 151 4.90 28.17 11.62
C TYR B 151 5.43 27.56 10.33
N PHE B 152 6.53 28.11 9.84
CA PHE B 152 7.26 27.57 8.70
C PHE B 152 8.75 27.82 8.93
N GLU B 153 9.52 26.75 8.83
CA GLU B 153 10.96 26.78 9.08
C GLU B 153 11.66 26.26 7.84
N PRO B 154 12.37 27.10 7.07
CA PRO B 154 12.97 26.61 5.83
C PRO B 154 13.93 25.45 6.02
N ASP B 155 14.56 25.32 7.18
CA ASP B 155 15.48 24.22 7.42
C ASP B 155 14.80 22.97 7.99
N CYS B 156 13.47 22.90 7.98
CA CYS B 156 12.81 21.76 8.58
C CYS B 156 12.94 20.52 7.72
N SER B 157 13.09 19.37 8.38
CA SER B 157 13.15 18.10 7.68
C SER B 157 11.77 17.46 7.61
N SER B 158 11.45 16.89 6.46
CA SER B 158 10.20 16.16 6.27
C SER B 158 10.34 14.69 6.66
N GLU B 159 11.55 14.25 6.98
CA GLU B 159 11.83 12.84 7.19
C GLU B 159 12.42 12.54 8.55
N ASP B 160 13.14 13.47 9.16
CA ASP B 160 13.81 13.21 10.44
C ASP B 160 13.18 14.09 11.52
N MET B 161 12.35 13.47 12.36
CA MET B 161 11.58 14.15 13.39
C MET B 161 12.08 13.77 14.79
N ASP B 162 11.83 14.66 15.75
CA ASP B 162 12.37 14.50 17.08
C ASP B 162 11.39 14.87 18.19
N HIS B 163 10.12 15.11 17.88
CA HIS B 163 9.21 15.60 18.90
C HIS B 163 7.79 15.13 18.59
N GLY B 164 7.16 14.45 19.55
CA GLY B 164 5.79 13.99 19.38
C GLY B 164 4.82 15.02 19.94
N VAL B 165 3.78 15.30 19.15
CA VAL B 165 2.75 16.30 19.47
C VAL B 165 1.42 15.77 18.96
N LEU B 166 0.40 16.62 18.96
CA LEU B 166 -0.97 16.17 18.73
C LEU B 166 -1.69 17.14 17.80
N VAL B 167 -2.12 16.64 16.65
CA VAL B 167 -2.95 17.42 15.75
C VAL B 167 -4.39 17.35 16.23
N VAL B 168 -4.96 18.49 16.61
CA VAL B 168 -6.36 18.54 17.04
C VAL B 168 -7.27 19.20 16.00
N GLY B 169 -6.73 19.62 14.87
CA GLY B 169 -7.56 20.22 13.83
C GLY B 169 -6.70 20.77 12.70
N TYR B 170 -7.36 21.52 11.81
CA TYR B 170 -6.70 22.21 10.71
C TYR B 170 -7.61 23.34 10.26
N GLY B 171 -7.04 24.24 9.48
CA GLY B 171 -7.77 25.42 9.06
C GLY B 171 -7.06 26.10 7.91
N PHE B 172 -7.55 27.29 7.59
CA PHE B 172 -7.13 28.01 6.39
C PHE B 172 -7.03 29.48 6.71
N GLU B 173 -6.37 30.21 5.81
CA GLU B 173 -6.29 31.66 5.94
C GLU B 173 -7.53 32.33 5.37
N SER B 174 -8.03 31.85 4.23
CA SER B 174 -9.28 32.34 3.68
C SER B 174 -10.05 31.21 3.03
N THR B 175 -11.37 31.39 2.92
CA THR B 175 -12.23 30.35 2.38
C THR B 175 -11.74 29.86 1.02
N GLU B 176 -11.20 30.75 0.20
CA GLU B 176 -10.72 30.41 -1.14
C GLU B 176 -9.26 30.89 -1.26
N SER B 177 -8.35 30.15 -0.63
CA SER B 177 -6.94 30.48 -0.71
C SER B 177 -6.13 29.22 -0.43
N ASP B 178 -5.24 28.88 -1.36
CA ASP B 178 -4.34 27.74 -1.16
C ASP B 178 -3.24 28.03 -0.16
N ASN B 179 -3.12 29.28 0.30
CA ASN B 179 -1.95 29.72 1.04
C ASN B 179 -2.18 29.70 2.54
N ASN B 180 -1.13 29.32 3.26
CA ASN B 180 -1.11 29.45 4.70
C ASN B 180 -2.23 28.65 5.35
N LYS B 181 -2.54 27.49 4.77
CA LYS B 181 -3.31 26.50 5.50
C LYS B 181 -2.46 25.99 6.65
N TYR B 182 -3.12 25.47 7.69
CA TYR B 182 -2.35 25.05 8.85
C TYR B 182 -2.96 23.84 9.54
N TRP B 183 -2.07 23.10 10.21
CA TRP B 183 -2.45 22.10 11.19
C TRP B 183 -2.49 22.75 12.57
N LEU B 184 -3.54 22.49 13.33
CA LEU B 184 -3.65 23.00 14.70
C LEU B 184 -3.04 21.97 15.64
N VAL B 185 -1.95 22.33 16.31
CA VAL B 185 -1.11 21.37 17.01
C VAL B 185 -1.00 21.74 18.48
N LYS B 186 -1.32 20.77 19.34
CA LYS B 186 -1.18 20.86 20.77
C LYS B 186 0.22 20.37 21.17
N ASN B 187 0.96 21.20 21.87
CA ASN B 187 2.28 20.85 22.38
C ASN B 187 2.15 20.51 23.85
N SER B 188 3.26 20.14 24.47
CA SER B 188 3.28 19.70 25.85
C SER B 188 4.36 20.44 26.64
N TRP B 189 4.53 21.73 26.34
CA TRP B 189 5.52 22.56 27.01
C TRP B 189 4.88 23.66 27.86
N GLY B 190 3.63 23.47 28.29
CA GLY B 190 2.96 24.45 29.10
C GLY B 190 2.28 25.51 28.26
N GLU B 191 1.55 26.39 28.94
CA GLU B 191 0.77 27.38 28.22
C GLU B 191 1.57 28.61 27.83
N GLU B 192 2.74 28.84 28.43
CA GLU B 192 3.53 30.02 28.06
C GLU B 192 4.06 29.88 26.64
N TRP B 193 4.48 28.68 26.25
CA TRP B 193 5.00 28.46 24.92
C TRP B 193 3.91 28.66 23.87
N GLY B 194 4.27 29.32 22.78
CA GLY B 194 3.37 29.42 21.64
C GLY B 194 2.10 30.17 21.97
N MET B 195 1.00 29.71 21.36
CA MET B 195 -0.31 30.34 21.46
C MET B 195 -1.11 29.53 22.47
N GLY B 196 -0.93 29.87 23.74
CA GLY B 196 -1.51 29.08 24.82
C GLY B 196 -1.05 27.64 24.81
N GLY B 197 0.18 27.38 24.37
CA GLY B 197 0.66 26.01 24.26
C GLY B 197 0.39 25.33 22.93
N TYR B 198 -0.28 26.01 22.02
CA TYR B 198 -0.58 25.52 20.67
C TYR B 198 0.28 26.20 19.61
N VAL B 199 0.36 25.55 18.45
CA VAL B 199 1.08 26.08 17.29
C VAL B 199 0.31 25.74 16.03
N LYS B 200 0.25 26.70 15.12
CA LYS B 200 -0.31 26.48 13.79
C LYS B 200 0.83 26.12 12.86
N MET B 201 0.86 24.87 12.39
N MET B 201 0.89 24.84 12.45
CA MET B 201 1.96 24.42 11.57
CA MET B 201 1.96 24.35 11.58
C MET B 201 1.55 24.33 10.12
C MET B 201 1.52 24.39 10.12
N ALA B 202 2.44 24.80 9.24
CA ALA B 202 2.12 24.90 7.82
C ALA B 202 1.63 23.56 7.27
N LYS B 203 0.52 23.63 6.53
CA LYS B 203 -0.18 22.47 6.00
C LYS B 203 -0.16 22.51 4.49
N ASP B 204 0.03 21.34 3.87
CA ASP B 204 0.08 21.19 2.42
C ASP B 204 1.23 22.01 1.83
N ARG B 205 2.36 22.02 2.53
CA ARG B 205 3.61 22.61 2.06
C ARG B 205 4.69 21.54 2.10
N ARG B 206 4.50 20.51 1.27
CA ARG B 206 5.42 19.38 1.10
C ARG B 206 5.75 18.70 2.42
N ASN B 207 4.70 18.43 3.20
CA ASN B 207 4.83 17.68 4.43
C ASN B 207 5.80 18.37 5.38
N HIS B 208 5.53 19.64 5.65
CA HIS B 208 6.47 20.46 6.37
C HIS B 208 6.77 19.93 7.75
N CYS B 209 8.07 19.82 8.06
CA CYS B 209 8.58 19.31 9.32
C CYS B 209 8.19 17.86 9.59
N GLY B 210 7.74 17.13 8.57
CA GLY B 210 7.49 15.71 8.71
C GLY B 210 6.19 15.38 9.41
N ILE B 211 5.25 16.32 9.44
CA ILE B 211 4.07 16.16 10.28
C ILE B 211 3.23 14.96 9.85
N ALA B 212 3.30 14.57 8.57
CA ALA B 212 2.55 13.39 8.12
C ALA B 212 3.38 12.12 8.06
N SER B 213 4.63 12.16 8.50
CA SER B 213 5.53 11.03 8.31
C SER B 213 5.46 10.00 9.43
N ALA B 214 4.87 10.33 10.57
CA ALA B 214 4.73 9.38 11.67
C ALA B 214 3.43 9.68 12.42
N ALA B 215 2.31 9.67 11.71
CA ALA B 215 1.00 9.99 12.28
C ALA B 215 0.28 8.70 12.64
N SER B 216 -0.32 8.67 13.82
CA SER B 216 -0.98 7.44 14.26
C SER B 216 -1.98 7.74 15.36
N TYR B 217 -2.77 6.74 15.70
CA TYR B 217 -3.76 6.89 16.76
C TYR B 217 -4.14 5.51 17.25
N PRO B 218 -4.69 5.41 18.46
CA PRO B 218 -5.03 4.10 19.01
C PRO B 218 -6.37 3.61 18.52
N THR B 219 -6.44 2.28 18.42
CA THR B 219 -7.65 1.55 18.05
C THR B 219 -8.52 1.38 19.30
N VAL B 220 -9.69 2.03 19.31
CA VAL B 220 -10.59 2.00 20.45
C VAL B 220 -11.98 1.63 19.95
N ALA C 1 11.33 -3.93 -36.62
CA ALA C 1 11.43 -3.62 -35.17
C ALA C 1 11.98 -4.84 -34.42
N PRO C 2 12.55 -4.62 -33.24
CA PRO C 2 12.94 -5.76 -32.40
C PRO C 2 11.73 -6.61 -32.06
N ARG C 3 11.99 -7.83 -31.58
CA ARG C 3 10.90 -8.73 -31.24
C ARG C 3 10.36 -8.41 -29.85
N SER C 4 11.19 -7.82 -29.00
CA SER C 4 10.78 -7.36 -27.68
C SER C 4 11.52 -6.06 -27.35
N VAL C 5 10.84 -5.20 -26.60
CA VAL C 5 11.34 -3.89 -26.18
C VAL C 5 10.94 -3.67 -24.73
N ASP C 6 11.86 -3.16 -23.93
CA ASP C 6 11.53 -2.78 -22.55
C ASP C 6 12.32 -1.52 -22.21
N TRP C 7 11.68 -0.36 -22.32
CA TRP C 7 12.39 0.90 -22.12
C TRP C 7 12.80 1.10 -20.67
N ARG C 8 12.23 0.35 -19.74
CA ARG C 8 12.68 0.44 -18.36
C ARG C 8 14.15 0.07 -18.27
N GLU C 9 14.56 -0.93 -19.04
CA GLU C 9 15.94 -1.40 -19.01
C GLU C 9 16.91 -0.41 -19.61
N LYS C 10 16.43 0.51 -20.46
CA LYS C 10 17.28 1.54 -21.06
C LYS C 10 17.28 2.83 -20.24
N GLY C 11 16.52 2.90 -19.16
CA GLY C 11 16.59 4.01 -18.23
C GLY C 11 15.55 5.09 -18.44
N TYR C 12 14.50 4.81 -19.18
CA TYR C 12 13.56 5.82 -19.63
C TYR C 12 12.37 6.03 -18.69
N VAL C 13 12.25 5.24 -17.61
CA VAL C 13 10.97 5.11 -16.92
C VAL C 13 11.17 5.29 -15.42
N THR C 14 10.40 6.21 -14.83
CA THR C 14 10.40 6.46 -13.41
C THR C 14 9.61 5.36 -12.69
N PRO C 15 9.68 5.30 -11.36
CA PRO C 15 8.87 4.33 -10.62
C PRO C 15 7.38 4.56 -10.84
N VAL C 16 6.60 3.52 -10.52
CA VAL C 16 5.16 3.60 -10.58
C VAL C 16 4.63 4.57 -9.54
N LYS C 17 3.68 5.40 -9.95
CA LYS C 17 3.06 6.45 -9.16
C LYS C 17 1.63 6.04 -8.86
N ASN C 18 0.97 6.84 -8.03
CA ASN C 18 -0.42 6.57 -7.67
C ASN C 18 -1.21 7.86 -7.77
N GLN C 19 -2.19 7.89 -8.67
CA GLN C 19 -3.02 9.07 -8.87
C GLN C 19 -4.05 9.24 -7.74
N GLY C 20 -4.16 8.29 -6.83
CA GLY C 20 -5.11 8.45 -5.75
C GLY C 20 -6.53 8.41 -6.26
N GLN C 21 -7.40 9.22 -5.63
CA GLN C 21 -8.82 9.24 -5.94
C GLN C 21 -9.19 10.35 -6.92
N CYS C 22 -8.21 10.97 -7.56
CA CYS C 22 -8.39 12.03 -8.55
C CYS C 22 -8.33 11.42 -9.94
N GLY C 23 -9.25 11.82 -10.80
CA GLY C 23 -9.31 11.31 -12.16
C GLY C 23 -8.30 11.93 -13.11
N SER C 24 -7.02 11.83 -12.77
CA SER C 24 -5.93 12.52 -13.45
C SER C 24 -5.04 11.58 -14.25
N CYS C 25 -5.56 10.42 -14.65
CA CYS C 25 -4.79 9.45 -15.41
C CYS C 25 -4.05 10.10 -16.57
N TRP C 26 -4.70 11.01 -17.28
CA TRP C 26 -4.09 11.69 -18.42
C TRP C 26 -2.81 12.43 -18.03
N ALA C 27 -2.75 12.99 -16.82
CA ALA C 27 -1.56 13.70 -16.39
C ALA C 27 -0.41 12.73 -16.12
N PHE C 28 -0.71 11.55 -15.57
CA PHE C 28 0.31 10.54 -15.31
C PHE C 28 0.81 9.92 -16.61
N SER C 29 -0.09 9.69 -17.56
CA SER C 29 0.32 9.22 -18.87
C SER C 29 1.25 10.23 -19.53
N ALA C 30 0.89 11.51 -19.45
CA ALA C 30 1.68 12.57 -20.11
C ALA C 30 3.05 12.72 -19.46
N THR C 31 3.12 12.77 -18.13
CA THR C 31 4.45 12.89 -17.52
C THR C 31 5.30 11.67 -17.83
N GLY C 32 4.70 10.48 -17.90
CA GLY C 32 5.48 9.30 -18.25
C GLY C 32 6.09 9.41 -19.64
N ALA C 33 5.32 9.89 -20.60
CA ALA C 33 5.84 10.01 -21.96
C ALA C 33 6.90 11.10 -22.02
N LEU C 34 6.67 12.23 -21.33
CA LEU C 34 7.66 13.32 -21.34
C LEU C 34 8.91 12.94 -20.56
N GLU C 35 8.74 12.17 -19.48
CA GLU C 35 9.90 11.64 -18.76
C GLU C 35 10.81 10.83 -19.68
N GLY C 36 10.22 9.99 -20.52
CA GLY C 36 11.00 9.20 -21.45
C GLY C 36 11.69 10.03 -22.52
N GLN C 37 10.98 11.00 -23.10
CA GLN C 37 11.59 11.81 -24.16
C GLN C 37 12.65 12.74 -23.60
N MET C 38 12.45 13.26 -22.37
CA MET C 38 13.49 14.08 -21.78
C MET C 38 14.74 13.26 -21.49
N PHE C 39 14.57 12.01 -21.02
CA PHE C 39 15.74 11.17 -20.82
C PHE C 39 16.42 10.88 -22.15
N ARG C 40 15.62 10.61 -23.17
CA ARG C 40 16.17 10.34 -24.49
C ARG C 40 16.99 11.52 -25.00
N LYS C 41 16.57 12.73 -24.66
CA LYS C 41 17.23 13.93 -25.16
C LYS C 41 18.41 14.34 -24.30
N THR C 42 18.34 14.13 -22.98
CA THR C 42 19.35 14.68 -22.08
C THR C 42 20.12 13.65 -21.27
N GLY C 43 19.64 12.42 -21.15
CA GLY C 43 20.28 11.45 -20.27
C GLY C 43 19.96 11.62 -18.81
N ARG C 44 19.02 12.50 -18.46
CA ARG C 44 18.57 12.68 -17.09
C ARG C 44 17.15 12.15 -16.99
N LEU C 45 16.90 11.29 -16.01
CA LEU C 45 15.56 10.80 -15.68
C LEU C 45 15.09 11.57 -14.45
N ILE C 46 14.14 12.50 -14.66
CA ILE C 46 13.61 13.32 -13.58
C ILE C 46 12.08 13.18 -13.58
N SER C 47 11.52 12.81 -12.43
CA SER C 47 10.07 12.67 -12.27
C SER C 47 9.42 14.05 -12.38
N LEU C 48 8.33 14.12 -13.13
CA LEU C 48 7.68 15.37 -13.52
C LEU C 48 6.36 15.53 -12.78
N SER C 49 5.86 16.77 -12.75
CA SER C 49 4.76 17.12 -11.85
C SER C 49 3.41 16.92 -12.54
N GLU C 50 2.67 15.91 -12.10
CA GLU C 50 1.28 15.78 -12.52
C GLU C 50 0.42 16.92 -11.99
N GLN C 51 0.69 17.37 -10.75
CA GLN C 51 -0.08 18.46 -10.17
C GLN C 51 0.02 19.73 -11.02
N ASN C 52 1.23 20.02 -11.52
CA ASN C 52 1.43 21.12 -12.46
C ASN C 52 0.42 21.04 -13.60
N LEU C 53 0.27 19.86 -14.17
CA LEU C 53 -0.67 19.67 -15.26
C LEU C 53 -2.11 19.80 -14.79
N VAL C 54 -2.43 19.22 -13.63
CA VAL C 54 -3.81 19.26 -13.15
C VAL C 54 -4.24 20.69 -12.92
N ASP C 55 -3.37 21.48 -12.30
CA ASP C 55 -3.72 22.84 -11.90
C ASP C 55 -3.67 23.84 -13.06
N CYS C 56 -2.88 23.59 -14.11
CA CYS C 56 -2.47 24.64 -15.02
C CYS C 56 -2.91 24.45 -16.46
N SER C 57 -3.31 23.25 -16.89
CA SER C 57 -3.57 23.01 -18.30
C SER C 57 -5.04 23.05 -18.67
N GLY C 58 -5.86 23.75 -17.88
CA GLY C 58 -7.22 24.04 -18.29
C GLY C 58 -7.33 24.81 -19.59
N PRO C 59 -6.51 25.82 -19.84
CA PRO C 59 -6.65 26.58 -21.09
C PRO C 59 -6.47 25.74 -22.33
N GLN C 60 -5.73 24.63 -22.23
CA GLN C 60 -5.55 23.70 -23.35
C GLN C 60 -6.73 22.73 -23.49
N GLY C 61 -7.63 22.66 -22.51
CA GLY C 61 -8.79 21.80 -22.59
C GLY C 61 -8.90 20.77 -21.49
N ASN C 62 -7.94 20.66 -20.58
CA ASN C 62 -8.01 19.65 -19.55
C ASN C 62 -8.87 20.10 -18.39
N GLU C 63 -9.35 19.12 -17.62
CA GLU C 63 -10.34 19.34 -16.58
C GLU C 63 -9.90 18.73 -15.25
N GLY C 64 -8.60 18.72 -15.00
CA GLY C 64 -8.14 18.33 -13.66
C GLY C 64 -8.51 16.90 -13.31
N CYS C 65 -9.08 16.73 -12.11
CA CYS C 65 -9.50 15.41 -11.67
C CYS C 65 -10.75 14.93 -12.37
N ASN C 66 -11.35 15.76 -13.22
CA ASN C 66 -12.51 15.40 -14.02
C ASN C 66 -12.15 14.93 -15.41
N GLY C 67 -10.87 14.78 -15.71
CA GLY C 67 -10.44 14.16 -16.95
C GLY C 67 -9.66 15.12 -17.84
N GLY C 68 -9.08 14.53 -18.87
CA GLY C 68 -8.24 15.30 -19.77
C GLY C 68 -7.63 14.40 -20.82
N LEU C 69 -6.81 15.03 -21.66
CA LEU C 69 -6.12 14.35 -22.75
C LEU C 69 -4.62 14.57 -22.64
N MET C 70 -3.87 13.50 -22.92
CA MET C 70 -2.41 13.62 -22.92
C MET C 70 -1.94 14.67 -23.91
N ASP C 71 -2.57 14.74 -25.09
CA ASP C 71 -2.18 15.73 -26.09
C ASP C 71 -2.38 17.15 -25.57
N TYR C 72 -3.46 17.39 -24.81
CA TYR C 72 -3.67 18.70 -24.21
C TYR C 72 -2.57 19.03 -23.22
N ALA C 73 -2.12 18.02 -22.46
CA ALA C 73 -1.00 18.23 -21.55
C ALA C 73 0.29 18.59 -22.31
N PHE C 74 0.55 17.92 -23.43
CA PHE C 74 1.76 18.21 -24.20
C PHE C 74 1.68 19.59 -24.78
N GLN C 75 0.48 20.00 -25.18
CA GLN C 75 0.26 21.35 -25.69
C GLN C 75 0.52 22.38 -24.61
N TYR C 76 0.12 22.08 -23.37
CA TYR C 76 0.36 23.04 -22.29
C TYR C 76 1.84 23.24 -22.05
N VAL C 77 2.60 22.15 -21.97
CA VAL C 77 4.03 22.29 -21.74
C VAL C 77 4.64 23.17 -22.83
N GLN C 78 4.16 23.04 -24.07
CA GLN C 78 4.69 23.87 -25.15
C GLN C 78 4.27 25.32 -24.97
N ASP C 79 2.98 25.55 -24.72
CA ASP C 79 2.50 26.94 -24.59
C ASP C 79 3.17 27.62 -23.42
N ASN C 80 3.45 26.87 -22.36
CA ASN C 80 3.93 27.37 -21.08
C ASN C 80 5.43 27.58 -21.04
N GLY C 81 6.16 26.90 -21.92
CA GLY C 81 7.60 26.95 -21.92
C GLY C 81 8.28 26.11 -20.86
N GLY C 82 7.58 25.18 -20.23
CA GLY C 82 8.21 24.41 -19.19
C GLY C 82 7.21 23.62 -18.37
N LEU C 83 7.76 22.77 -17.52
CA LEU C 83 6.99 21.93 -16.62
C LEU C 83 7.86 21.65 -15.40
N ASP C 84 7.29 21.80 -14.21
CA ASP C 84 8.07 21.64 -13.00
C ASP C 84 8.29 20.16 -12.67
N SER C 85 9.29 19.92 -11.83
CA SER C 85 9.59 18.57 -11.38
C SER C 85 8.58 18.10 -10.33
N GLU C 86 8.41 16.78 -10.26
CA GLU C 86 7.61 16.18 -9.19
C GLU C 86 8.03 16.72 -7.83
N GLU C 87 9.35 16.75 -7.57
CA GLU C 87 9.81 17.12 -6.24
C GLU C 87 9.48 18.57 -5.90
N SER C 88 9.49 19.47 -6.89
CA SER C 88 9.24 20.87 -6.62
C SER C 88 7.75 21.18 -6.52
N TYR C 89 6.90 20.34 -7.10
CA TYR C 89 5.48 20.62 -7.27
C TYR C 89 4.76 19.28 -7.10
N PRO C 90 4.76 18.73 -5.90
CA PRO C 90 4.35 17.34 -5.70
C PRO C 90 2.84 17.17 -5.74
N TYR C 91 2.44 15.90 -5.79
CA TYR C 91 1.07 15.54 -6.14
C TYR C 91 0.16 15.58 -4.91
N GLU C 92 -0.98 16.26 -5.07
CA GLU C 92 -1.96 16.44 -4.00
C GLU C 92 -3.28 15.74 -4.26
N ALA C 93 -3.53 15.26 -5.49
CA ALA C 93 -4.73 14.49 -5.83
C ALA C 93 -6.01 15.30 -5.69
N THR C 94 -5.90 16.62 -5.86
CA THR C 94 -7.07 17.49 -5.96
C THR C 94 -6.63 18.72 -6.75
N GLU C 95 -7.57 19.34 -7.45
CA GLU C 95 -7.22 20.48 -8.30
C GLU C 95 -7.21 21.79 -7.51
N GLU C 96 -6.19 22.59 -7.75
CA GLU C 96 -5.99 23.87 -7.09
C GLU C 96 -5.55 24.87 -8.15
N SER C 97 -5.35 26.12 -7.74
CA SER C 97 -4.86 27.09 -8.70
C SER C 97 -3.41 26.76 -9.09
N CYS C 98 -3.02 27.28 -10.25
CA CYS C 98 -1.72 26.98 -10.83
C CYS C 98 -0.60 27.62 -10.04
N LYS C 99 0.42 26.82 -9.69
CA LYS C 99 1.57 27.29 -8.93
C LYS C 99 2.87 27.07 -9.69
N TYR C 100 2.80 27.02 -11.00
CA TYR C 100 3.99 26.80 -11.81
C TYR C 100 5.04 27.87 -11.52
N ASN C 101 6.28 27.43 -11.37
CA ASN C 101 7.43 28.31 -11.18
C ASN C 101 8.48 27.99 -12.22
N PRO C 102 8.77 28.90 -13.16
CA PRO C 102 9.75 28.58 -14.21
C PRO C 102 11.13 28.26 -13.67
N LYS C 103 11.49 28.77 -12.51
CA LYS C 103 12.79 28.47 -11.93
C LYS C 103 12.95 26.97 -11.65
N TYR C 104 11.85 26.23 -11.53
CA TYR C 104 11.93 24.80 -11.24
C TYR C 104 11.56 23.94 -12.45
N SER C 105 11.53 24.52 -13.64
CA SER C 105 11.18 23.74 -14.82
C SER C 105 12.32 22.83 -15.19
N VAL C 106 12.01 21.58 -15.54
CA VAL C 106 13.04 20.61 -15.88
C VAL C 106 12.68 19.90 -17.18
N ALA C 107 11.62 20.38 -17.84
CA ALA C 107 11.18 19.74 -19.07
C ALA C 107 10.53 20.77 -19.98
N ASN C 108 10.55 20.45 -21.28
CA ASN C 108 9.94 21.25 -22.33
C ASN C 108 9.51 20.31 -23.44
N ASP C 109 8.56 20.76 -24.25
CA ASP C 109 8.35 20.11 -25.54
C ASP C 109 7.90 21.14 -26.56
N ALA C 110 7.96 20.71 -27.82
CA ALA C 110 7.67 21.56 -28.97
C ALA C 110 6.42 21.08 -29.70
N GLY C 111 5.49 20.49 -28.96
CA GLY C 111 4.31 19.90 -29.54
C GLY C 111 4.28 18.40 -29.34
N PHE C 112 3.54 17.70 -30.18
CA PHE C 112 3.36 16.27 -29.97
C PHE C 112 3.07 15.61 -31.30
N VAL C 113 3.23 14.28 -31.30
CA VAL C 113 3.00 13.44 -32.47
C VAL C 113 1.90 12.45 -32.15
N ASP C 114 0.85 12.45 -32.94
CA ASP C 114 -0.19 11.43 -32.87
C ASP C 114 0.15 10.29 -33.82
N ILE C 115 -0.01 9.06 -33.34
CA ILE C 115 0.32 7.85 -34.08
C ILE C 115 -0.93 7.33 -34.79
N PRO C 116 -0.80 6.80 -36.01
CA PRO C 116 -1.95 6.19 -36.67
C PRO C 116 -2.59 5.13 -35.79
N LYS C 117 -3.90 4.95 -35.96
CA LYS C 117 -4.68 4.05 -35.10
C LYS C 117 -4.55 2.61 -35.58
N GLN C 118 -3.34 2.08 -35.45
CA GLN C 118 -3.07 0.69 -35.81
C GLN C 118 -1.91 0.19 -34.96
N GLU C 119 -1.97 -1.09 -34.60
CA GLU C 119 -0.99 -1.62 -33.66
C GLU C 119 0.39 -1.75 -34.28
N LYS C 120 0.47 -1.91 -35.60
CA LYS C 120 1.78 -1.98 -36.25
C LYS C 120 2.49 -0.63 -36.16
N ALA C 121 1.73 0.46 -36.32
CA ALA C 121 2.28 1.79 -36.15
C ALA C 121 2.65 2.04 -34.69
N LEU C 122 1.85 1.55 -33.76
CA LEU C 122 2.21 1.70 -32.36
C LEU C 122 3.52 0.97 -32.06
N MET C 123 3.67 -0.26 -32.58
CA MET C 123 4.91 -1.01 -32.36
C MET C 123 6.10 -0.24 -32.89
N LYS C 124 6.01 0.27 -34.13
CA LYS C 124 7.11 1.04 -34.70
C LYS C 124 7.45 2.23 -33.83
N ALA C 125 6.43 2.93 -33.31
CA ALA C 125 6.69 4.07 -32.44
C ALA C 125 7.35 3.65 -31.14
N VAL C 126 6.82 2.62 -30.47
CA VAL C 126 7.48 2.16 -29.25
C VAL C 126 8.92 1.78 -29.54
N ALA C 127 9.15 1.05 -30.64
CA ALA C 127 10.49 0.59 -30.97
C ALA C 127 11.45 1.75 -31.20
N THR C 128 10.98 2.85 -31.79
CA THR C 128 11.89 3.87 -32.27
C THR C 128 11.88 5.16 -31.47
N VAL C 129 10.92 5.38 -30.59
CA VAL C 129 10.76 6.65 -29.88
C VAL C 129 11.05 6.52 -28.41
N GLY C 130 10.44 5.52 -27.76
CA GLY C 130 10.45 5.42 -26.32
C GLY C 130 9.03 5.12 -25.83
N PRO C 131 8.79 5.29 -24.53
CA PRO C 131 7.44 5.11 -24.00
C PRO C 131 6.43 6.00 -24.71
N ILE C 132 5.21 5.48 -24.88
CA ILE C 132 4.15 6.12 -25.66
C ILE C 132 2.90 6.26 -24.80
N SER C 133 2.30 7.44 -24.81
CA SER C 133 1.02 7.67 -24.13
C SER C 133 -0.09 6.98 -24.93
N VAL C 134 -0.95 6.24 -24.24
CA VAL C 134 -2.10 5.60 -24.88
C VAL C 134 -3.30 5.67 -23.96
N ALA C 135 -4.48 5.49 -24.54
CA ALA C 135 -5.71 5.36 -23.78
C ALA C 135 -6.30 3.98 -24.02
N ILE C 136 -6.84 3.38 -22.96
CA ILE C 136 -7.47 2.07 -23.07
C ILE C 136 -8.84 2.08 -22.43
N ASP C 137 -9.66 1.13 -22.85
CA ASP C 137 -10.87 0.77 -22.12
C ASP C 137 -10.46 -0.06 -20.89
N ALA C 138 -10.41 0.59 -19.74
CA ALA C 138 -10.10 -0.04 -18.47
C ALA C 138 -11.34 -0.24 -17.62
N GLY C 139 -12.53 -0.06 -18.20
CA GLY C 139 -13.77 -0.05 -17.46
C GLY C 139 -14.36 -1.42 -17.20
N HIS C 140 -13.55 -2.34 -16.70
CA HIS C 140 -14.00 -3.69 -16.42
C HIS C 140 -13.35 -4.20 -15.15
N GLU C 141 -14.11 -4.97 -14.38
CA GLU C 141 -13.53 -5.40 -13.11
C GLU C 141 -12.35 -6.32 -13.34
N SER C 142 -12.28 -7.02 -14.48
CA SER C 142 -11.10 -7.82 -14.77
C SER C 142 -9.84 -6.97 -14.76
N PHE C 143 -9.93 -5.73 -15.21
CA PHE C 143 -8.76 -4.85 -15.18
C PHE C 143 -8.48 -4.40 -13.75
N LEU C 144 -9.52 -4.08 -12.99
CA LEU C 144 -9.30 -3.70 -11.59
C LEU C 144 -8.60 -4.80 -10.81
N PHE C 145 -8.94 -6.06 -11.09
CA PHE C 145 -8.46 -7.19 -10.32
C PHE C 145 -7.20 -7.83 -10.88
N TYR C 146 -6.61 -7.25 -11.92
CA TYR C 146 -5.50 -7.86 -12.62
C TYR C 146 -4.29 -8.02 -11.70
N LYS C 147 -3.66 -9.18 -11.78
CA LYS C 147 -2.50 -9.47 -10.96
C LYS C 147 -1.29 -9.92 -11.77
N GLU C 148 -1.47 -10.79 -12.75
CA GLU C 148 -0.36 -11.30 -13.55
C GLU C 148 -0.94 -11.85 -14.85
N GLY C 149 -0.07 -12.07 -15.82
CA GLY C 149 -0.46 -12.68 -17.07
C GLY C 149 -0.77 -11.71 -18.18
N ILE C 150 -1.22 -12.27 -19.30
CA ILE C 150 -1.57 -11.48 -20.47
C ILE C 150 -3.04 -11.10 -20.36
N TYR C 151 -3.31 -9.81 -20.20
CA TYR C 151 -4.65 -9.34 -19.95
C TYR C 151 -5.47 -9.36 -21.23
N PHE C 152 -6.61 -10.04 -21.20
CA PHE C 152 -7.55 -10.05 -22.30
C PHE C 152 -8.96 -10.07 -21.73
N GLU C 153 -9.78 -9.15 -22.20
CA GLU C 153 -11.15 -8.93 -21.70
C GLU C 153 -12.12 -9.03 -22.86
N PRO C 154 -12.90 -10.11 -22.98
CA PRO C 154 -13.78 -10.22 -24.16
C PRO C 154 -14.74 -9.06 -24.35
N ASP C 155 -15.10 -8.33 -23.28
CA ASP C 155 -16.01 -7.20 -23.42
C ASP C 155 -15.29 -5.87 -23.63
N CYS C 156 -13.99 -5.88 -23.88
CA CYS C 156 -13.28 -4.61 -24.05
C CYS C 156 -13.65 -3.94 -25.36
N SER C 157 -13.69 -2.61 -25.33
CA SER C 157 -14.00 -1.79 -26.50
C SER C 157 -12.72 -1.25 -27.14
N SER C 158 -12.68 -1.29 -28.47
CA SER C 158 -11.56 -0.70 -29.21
C SER C 158 -11.79 0.76 -29.56
N GLU C 159 -12.94 1.31 -29.18
CA GLU C 159 -13.41 2.61 -29.63
C GLU C 159 -13.70 3.58 -28.50
N ASP C 160 -14.09 3.08 -27.33
CA ASP C 160 -14.47 3.89 -26.17
C ASP C 160 -13.49 3.59 -25.03
N MET C 161 -12.42 4.37 -24.99
CA MET C 161 -11.39 4.27 -23.97
C MET C 161 -11.68 5.28 -22.87
N ASP C 162 -11.27 4.93 -21.65
CA ASP C 162 -11.57 5.76 -20.50
C ASP C 162 -10.38 5.97 -19.58
N HIS C 163 -9.18 5.57 -19.97
CA HIS C 163 -8.06 5.57 -19.04
C HIS C 163 -6.74 5.72 -19.78
N GLY C 164 -5.99 6.76 -19.42
CA GLY C 164 -4.70 7.01 -20.03
C GLY C 164 -3.62 6.32 -19.25
N VAL C 165 -2.76 5.60 -19.97
CA VAL C 165 -1.65 4.84 -19.38
C VAL C 165 -0.44 4.99 -20.31
N LEU C 166 0.58 4.17 -20.09
CA LEU C 166 1.86 4.35 -20.79
C LEU C 166 2.41 3.02 -21.26
N VAL C 167 2.62 2.91 -22.57
CA VAL C 167 3.26 1.72 -23.14
C VAL C 167 4.77 1.89 -23.05
N VAL C 168 5.43 1.00 -22.31
CA VAL C 168 6.89 1.10 -22.13
C VAL C 168 7.64 0.00 -22.86
N GLY C 169 6.94 -0.87 -23.58
CA GLY C 169 7.61 -1.94 -24.30
C GLY C 169 6.59 -2.91 -24.85
N TYR C 170 7.10 -4.04 -25.35
CA TYR C 170 6.24 -5.09 -25.85
C TYR C 170 7.08 -6.36 -25.86
N GLY C 171 6.39 -7.48 -26.01
CA GLY C 171 7.09 -8.75 -25.97
C GLY C 171 6.23 -9.86 -26.50
N PHE C 172 6.71 -11.08 -26.29
CA PHE C 172 6.06 -12.25 -26.85
C PHE C 172 6.09 -13.38 -25.84
N GLU C 173 5.31 -14.41 -26.15
CA GLU C 173 5.27 -15.62 -25.33
C GLU C 173 6.43 -16.53 -25.65
N SER C 174 6.76 -16.70 -26.93
CA SER C 174 7.96 -17.42 -27.31
C SER C 174 8.34 -17.06 -28.74
N THR C 175 9.61 -17.32 -29.07
CA THR C 175 10.10 -17.09 -30.43
C THR C 175 9.60 -18.13 -31.42
N GLU C 176 8.80 -19.10 -30.96
CA GLU C 176 8.29 -20.16 -31.82
C GLU C 176 6.83 -19.95 -32.21
N SER C 177 6.21 -18.85 -31.79
CA SER C 177 4.84 -18.58 -32.19
C SER C 177 4.50 -17.12 -31.96
N ASP C 178 3.47 -16.66 -32.67
CA ASP C 178 2.95 -15.31 -32.56
C ASP C 178 1.77 -15.21 -31.61
N ASN C 179 1.52 -16.25 -30.83
CA ASN C 179 0.39 -16.25 -29.91
C ASN C 179 0.74 -15.46 -28.65
N ASN C 180 -0.25 -14.73 -28.13
CA ASN C 180 -0.13 -14.10 -26.83
C ASN C 180 1.04 -13.12 -26.78
N LYS C 181 1.14 -12.27 -27.81
CA LYS C 181 2.04 -11.13 -27.70
C LYS C 181 1.43 -10.12 -26.73
N TYR C 182 2.26 -9.20 -26.24
CA TYR C 182 1.74 -8.24 -25.28
C TYR C 182 2.44 -6.90 -25.37
N TRP C 183 1.66 -5.87 -24.99
CA TRP C 183 2.16 -4.54 -24.68
C TRP C 183 2.50 -4.49 -23.18
N LEU C 184 3.64 -3.94 -22.85
CA LEU C 184 4.04 -3.74 -21.46
C LEU C 184 3.60 -2.34 -21.03
N VAL C 185 2.68 -2.26 -20.08
CA VAL C 185 1.96 -1.01 -19.78
C VAL C 185 2.17 -0.63 -18.32
N LYS C 186 2.61 0.61 -18.10
CA LYS C 186 2.72 1.23 -16.79
C LYS C 186 1.41 1.92 -16.46
N ASN C 187 0.83 1.55 -15.33
CA ASN C 187 -0.38 2.17 -14.80
C ASN C 187 0.01 3.16 -13.71
N SER C 188 -0.98 3.90 -13.22
CA SER C 188 -0.78 4.92 -12.19
C SER C 188 -1.67 4.69 -10.98
N TRP C 189 -1.80 3.42 -10.56
CA TRP C 189 -2.65 3.05 -9.45
C TRP C 189 -1.82 2.43 -8.32
N GLY C 190 -0.54 2.75 -8.25
CA GLY C 190 0.33 2.24 -7.22
C GLY C 190 0.86 0.85 -7.56
N GLU C 191 1.73 0.37 -6.68
CA GLU C 191 2.45 -0.87 -6.91
C GLU C 191 1.68 -2.11 -6.51
N GLU C 192 0.62 -1.97 -5.71
CA GLU C 192 -0.13 -3.16 -5.34
C GLU C 192 -0.95 -3.66 -6.52
N TRP C 193 -1.50 -2.74 -7.30
CA TRP C 193 -2.24 -3.14 -8.49
C TRP C 193 -1.35 -3.90 -9.46
N GLY C 194 -1.89 -4.96 -10.04
CA GLY C 194 -1.21 -5.64 -11.13
C GLY C 194 0.13 -6.19 -10.72
N MET C 195 1.09 -6.12 -11.65
CA MET C 195 2.43 -6.71 -11.49
C MET C 195 3.38 -5.56 -11.16
N GLY C 196 3.46 -5.23 -9.87
CA GLY C 196 4.19 -4.05 -9.47
C GLY C 196 3.70 -2.78 -10.11
N GLY C 197 2.40 -2.70 -10.41
CA GLY C 197 1.84 -1.53 -11.05
C GLY C 197 1.82 -1.60 -12.56
N TYR C 198 2.30 -2.69 -13.14
CA TYR C 198 2.32 -2.92 -14.57
C TYR C 198 1.30 -3.98 -14.98
N VAL C 199 0.94 -3.95 -16.27
CA VAL C 199 0.08 -4.94 -16.87
C VAL C 199 0.60 -5.28 -18.26
N LYS C 200 0.55 -6.56 -18.61
CA LYS C 200 0.81 -7.02 -19.97
C LYS C 200 -0.53 -7.11 -20.68
N MET C 201 -0.74 -6.23 -21.66
N MET C 201 -0.73 -6.26 -21.68
CA MET C 201 -1.98 -6.15 -22.42
CA MET C 201 -2.00 -6.21 -22.37
C MET C 201 -1.84 -6.92 -23.72
C MET C 201 -1.88 -6.85 -23.74
N ALA C 202 -2.90 -7.64 -24.10
CA ALA C 202 -2.90 -8.37 -25.36
C ALA C 202 -2.55 -7.47 -26.54
N LYS C 203 -1.57 -7.93 -27.32
CA LYS C 203 -1.05 -7.20 -28.48
C LYS C 203 -1.35 -7.97 -29.77
N ASP C 204 -1.78 -7.23 -30.79
CA ASP C 204 -2.10 -7.77 -32.12
C ASP C 204 -3.31 -8.70 -32.06
N ARG C 205 -4.26 -8.36 -31.20
CA ARG C 205 -5.55 -9.03 -31.10
C ARG C 205 -6.65 -7.99 -31.31
N ARG C 206 -6.73 -7.45 -32.54
CA ARG C 206 -7.83 -6.59 -32.95
C ARG C 206 -7.86 -5.29 -32.17
N ASN C 207 -6.68 -4.71 -31.92
CA ASN C 207 -6.57 -3.45 -31.18
C ASN C 207 -7.33 -3.56 -29.85
N HIS C 208 -6.93 -4.54 -29.06
CA HIS C 208 -7.64 -4.88 -27.86
C HIS C 208 -7.67 -3.70 -26.89
N CYS C 209 -8.87 -3.40 -26.39
CA CYS C 209 -9.12 -2.33 -25.44
C CYS C 209 -8.76 -0.95 -26.00
N GLY C 210 -8.60 -0.86 -27.32
CA GLY C 210 -8.37 0.43 -27.95
C GLY C 210 -6.97 0.99 -27.76
N ILE C 211 -6.00 0.14 -27.45
CA ILE C 211 -4.69 0.62 -27.05
C ILE C 211 -4.01 1.42 -28.15
N ALA C 212 -4.35 1.18 -29.41
CA ALA C 212 -3.73 1.93 -30.50
C ALA C 212 -4.59 3.08 -30.98
N SER C 213 -5.74 3.33 -30.38
CA SER C 213 -6.69 4.30 -30.93
C SER C 213 -6.41 5.75 -30.53
N ALA C 214 -5.63 5.97 -29.48
CA ALA C 214 -5.34 7.33 -29.00
C ALA C 214 -3.90 7.38 -28.47
N ALA C 215 -2.94 7.04 -29.34
CA ALA C 215 -1.54 6.95 -28.96
C ALA C 215 -0.76 8.18 -29.44
N SER C 216 0.17 8.65 -28.60
CA SER C 216 0.91 9.86 -28.92
C SER C 216 2.11 10.02 -28.00
N TYR C 217 2.98 10.96 -28.36
CA TYR C 217 4.13 11.30 -27.53
C TYR C 217 4.52 12.74 -27.77
N PRO C 218 5.23 13.36 -26.81
CA PRO C 218 5.65 14.76 -26.98
C PRO C 218 6.91 14.86 -27.83
N THR C 219 7.02 15.98 -28.54
CA THR C 219 8.20 16.27 -29.36
C THR C 219 9.19 17.06 -28.50
N VAL C 220 10.39 16.53 -28.31
CA VAL C 220 11.40 17.17 -27.49
C VAL C 220 12.55 17.55 -28.42
N ALA D 1 -15.22 -20.54 21.76
CA ALA D 1 -15.24 -21.02 20.36
C ALA D 1 -13.96 -21.79 20.10
N PRO D 2 -13.91 -22.54 19.01
CA PRO D 2 -12.63 -23.11 18.58
C PRO D 2 -11.63 -22.02 18.24
N ARG D 3 -10.36 -22.41 18.23
CA ARG D 3 -9.29 -21.51 17.83
C ARG D 3 -9.40 -21.09 16.37
N SER D 4 -9.91 -21.98 15.53
N SER D 4 -9.92 -21.98 15.52
CA SER D 4 -10.10 -21.68 14.12
CA SER D 4 -10.08 -21.70 14.11
C SER D 4 -11.34 -22.43 13.64
C SER D 4 -11.29 -22.47 13.58
N VAL D 5 -11.96 -21.89 12.60
CA VAL D 5 -13.14 -22.48 11.97
C VAL D 5 -13.03 -22.26 10.46
N ASP D 6 -13.35 -23.29 9.68
CA ASP D 6 -13.50 -23.14 8.23
C ASP D 6 -14.67 -24.02 7.80
N TRP D 7 -15.83 -23.40 7.60
CA TRP D 7 -17.03 -24.15 7.26
C TRP D 7 -16.98 -24.75 5.86
N ARG D 8 -16.07 -24.31 5.00
CA ARG D 8 -15.94 -24.95 3.70
C ARG D 8 -15.54 -26.41 3.85
N GLU D 9 -14.78 -26.73 4.90
CA GLU D 9 -14.30 -28.11 5.10
C GLU D 9 -15.40 -29.04 5.57
N LYS D 10 -16.51 -28.50 6.03
CA LYS D 10 -17.66 -29.28 6.50
C LYS D 10 -18.78 -29.36 5.47
N GLY D 11 -18.59 -28.79 4.28
CA GLY D 11 -19.58 -28.92 3.22
C GLY D 11 -20.66 -27.87 3.21
N TYR D 12 -20.46 -26.76 3.92
CA TYR D 12 -21.49 -25.74 4.11
C TYR D 12 -21.50 -24.66 3.03
N VAL D 13 -20.51 -24.61 2.15
CA VAL D 13 -20.27 -23.41 1.35
C VAL D 13 -20.17 -23.79 -0.13
N THR D 14 -20.94 -23.08 -0.96
CA THR D 14 -20.87 -23.25 -2.41
C THR D 14 -19.62 -22.56 -2.94
N PRO D 15 -19.26 -22.82 -4.20
CA PRO D 15 -18.13 -22.09 -4.80
C PRO D 15 -18.40 -20.59 -4.86
N VAL D 16 -17.32 -19.83 -5.07
CA VAL D 16 -17.43 -18.39 -5.25
C VAL D 16 -18.21 -18.08 -6.51
N LYS D 17 -19.13 -17.11 -6.39
CA LYS D 17 -19.96 -16.63 -7.48
C LYS D 17 -19.53 -15.21 -7.84
N ASN D 18 -20.17 -14.65 -8.86
CA ASN D 18 -19.84 -13.31 -9.32
C ASN D 18 -21.12 -12.55 -9.59
N GLN D 19 -21.38 -11.51 -8.80
CA GLN D 19 -22.56 -10.68 -8.95
C GLN D 19 -22.53 -9.82 -10.22
N GLY D 20 -21.41 -9.76 -10.93
CA GLY D 20 -21.41 -8.97 -12.15
C GLY D 20 -21.51 -7.49 -11.84
N GLN D 21 -22.12 -6.74 -12.74
CA GLN D 21 -22.19 -5.29 -12.58
C GLN D 21 -23.45 -4.84 -11.83
N CYS D 22 -24.13 -5.76 -11.14
CA CYS D 22 -25.37 -5.50 -10.41
C CYS D 22 -25.06 -5.37 -8.92
N GLY D 23 -25.66 -4.36 -8.29
CA GLY D 23 -25.46 -4.06 -6.88
C GLY D 23 -26.25 -4.99 -5.99
N SER D 24 -25.99 -6.27 -6.15
CA SER D 24 -26.75 -7.34 -5.51
C SER D 24 -25.95 -8.09 -4.46
N CYS D 25 -24.91 -7.46 -3.90
CA CYS D 25 -24.09 -8.13 -2.90
C CYS D 25 -24.94 -8.74 -1.79
N TRP D 26 -25.98 -8.01 -1.35
CA TRP D 26 -26.87 -8.45 -0.29
C TRP D 26 -27.51 -9.79 -0.62
N ALA D 27 -27.80 -10.03 -1.89
CA ALA D 27 -28.42 -11.30 -2.29
C ALA D 27 -27.43 -12.45 -2.25
N PHE D 28 -26.17 -12.21 -2.63
CA PHE D 28 -25.15 -13.24 -2.53
C PHE D 28 -24.79 -13.54 -1.07
N SER D 29 -24.78 -12.51 -0.24
CA SER D 29 -24.57 -12.73 1.18
C SER D 29 -25.68 -13.58 1.76
N ALA D 30 -26.92 -13.27 1.40
CA ALA D 30 -28.07 -13.97 1.96
C ALA D 30 -28.14 -15.41 1.47
N THR D 31 -27.92 -15.65 0.17
CA THR D 31 -27.93 -17.03 -0.30
C THR D 31 -26.81 -17.85 0.36
N GLY D 32 -25.65 -17.24 0.55
CA GLY D 32 -24.56 -17.94 1.22
C GLY D 32 -24.95 -18.40 2.62
N ALA D 33 -25.58 -17.54 3.40
CA ALA D 33 -25.97 -17.89 4.75
C ALA D 33 -27.07 -18.95 4.75
N LEU D 34 -28.03 -18.80 3.83
CA LEU D 34 -29.11 -19.78 3.73
C LEU D 34 -28.60 -21.12 3.21
N GLU D 35 -27.66 -21.10 2.26
CA GLU D 35 -27.03 -22.35 1.81
C GLU D 35 -26.42 -23.10 2.99
N GLY D 36 -25.73 -22.37 3.88
CA GLY D 36 -25.14 -23.01 5.05
C GLY D 36 -26.18 -23.57 6.00
N GLN D 37 -27.23 -22.79 6.29
CA GLN D 37 -28.24 -23.24 7.24
C GLN D 37 -29.08 -24.38 6.66
N MET D 38 -29.35 -24.36 5.35
CA MET D 38 -30.06 -25.48 4.76
C MET D 38 -29.22 -26.75 4.79
N PHE D 39 -27.91 -26.63 4.59
CA PHE D 39 -27.03 -27.79 4.72
C PHE D 39 -27.05 -28.32 6.15
N ARG D 40 -26.96 -27.42 7.13
CA ARG D 40 -27.01 -27.82 8.53
C ARG D 40 -28.29 -28.60 8.83
N LYS D 41 -29.39 -28.23 8.17
CA LYS D 41 -30.69 -28.84 8.47
C LYS D 41 -30.89 -30.17 7.73
N THR D 42 -30.44 -30.26 6.48
CA THR D 42 -30.74 -31.42 5.63
C THR D 42 -29.53 -32.25 5.28
N GLY D 43 -28.33 -31.72 5.40
CA GLY D 43 -27.14 -32.38 4.92
C GLY D 43 -26.93 -32.33 3.42
N ARG D 44 -27.72 -31.54 2.70
CA ARG D 44 -27.57 -31.36 1.26
C ARG D 44 -27.20 -29.91 0.97
N LEU D 45 -26.11 -29.71 0.24
CA LEU D 45 -25.67 -28.38 -0.18
C LEU D 45 -26.25 -28.09 -1.55
N ILE D 46 -27.15 -27.12 -1.62
CA ILE D 46 -27.79 -26.75 -2.88
C ILE D 46 -27.64 -25.25 -3.09
N SER D 47 -27.01 -24.88 -4.20
CA SER D 47 -26.84 -23.47 -4.54
C SER D 47 -28.18 -22.78 -4.78
N LEU D 48 -28.33 -21.58 -4.22
CA LEU D 48 -29.59 -20.86 -4.25
C LEU D 48 -29.54 -19.64 -5.17
N SER D 49 -30.73 -19.19 -5.57
CA SER D 49 -30.91 -18.22 -6.63
C SER D 49 -30.85 -16.79 -6.10
N GLU D 50 -29.74 -16.10 -6.39
CA GLU D 50 -29.70 -14.66 -6.16
C GLU D 50 -30.69 -13.91 -7.03
N GLN D 51 -30.95 -14.40 -8.25
CA GLN D 51 -31.88 -13.70 -9.12
C GLN D 51 -33.28 -13.67 -8.54
N ASN D 52 -33.69 -14.78 -7.92
CA ASN D 52 -34.96 -14.88 -7.22
C ASN D 52 -35.10 -13.76 -6.19
N LEU D 53 -34.04 -13.51 -5.43
CA LEU D 53 -34.05 -12.43 -4.45
C LEU D 53 -34.06 -11.06 -5.13
N VAL D 54 -33.24 -10.86 -6.16
CA VAL D 54 -33.17 -9.57 -6.85
C VAL D 54 -34.53 -9.22 -7.43
N ASP D 55 -35.19 -10.20 -8.06
CA ASP D 55 -36.43 -9.97 -8.77
C ASP D 55 -37.64 -9.81 -7.85
N CYS D 56 -37.63 -10.46 -6.68
CA CYS D 56 -38.86 -10.75 -5.96
C CYS D 56 -38.96 -10.15 -4.57
N SER D 57 -37.86 -9.73 -3.95
CA SER D 57 -37.88 -9.33 -2.55
C SER D 57 -38.00 -7.83 -2.37
N GLY D 58 -38.43 -7.10 -3.40
CA GLY D 58 -38.78 -5.71 -3.24
C GLY D 58 -39.79 -5.42 -2.15
N PRO D 59 -40.85 -6.22 -2.02
CA PRO D 59 -41.86 -5.92 -0.98
C PRO D 59 -41.29 -5.93 0.43
N GLN D 60 -40.18 -6.63 0.68
CA GLN D 60 -39.56 -6.62 1.98
C GLN D 60 -38.60 -5.45 2.17
N GLY D 61 -38.37 -4.66 1.13
CA GLY D 61 -37.54 -3.46 1.21
C GLY D 61 -36.32 -3.47 0.33
N ASN D 62 -36.03 -4.55 -0.38
CA ASN D 62 -34.85 -4.59 -1.22
C ASN D 62 -35.09 -3.84 -2.53
N GLU D 63 -34.01 -3.40 -3.14
CA GLU D 63 -34.04 -2.59 -4.35
C GLU D 63 -33.17 -3.18 -5.45
N GLY D 64 -33.16 -4.51 -5.57
CA GLY D 64 -32.59 -5.13 -6.75
C GLY D 64 -31.12 -4.82 -6.89
N CYS D 65 -30.72 -4.36 -8.09
CA CYS D 65 -29.34 -4.03 -8.36
C CYS D 65 -28.94 -2.69 -7.72
N ASN D 66 -29.87 -2.00 -7.06
CA ASN D 66 -29.56 -0.77 -6.36
C ASN D 66 -29.40 -0.96 -4.87
N GLY D 67 -29.29 -2.20 -4.41
CA GLY D 67 -28.92 -2.48 -3.05
C GLY D 67 -30.04 -3.13 -2.26
N GLY D 68 -29.69 -3.57 -1.06
CA GLY D 68 -30.64 -4.28 -0.23
C GLY D 68 -30.00 -4.69 1.07
N LEU D 69 -30.78 -5.45 1.85
CA LEU D 69 -30.36 -5.96 3.14
C LEU D 69 -30.52 -7.48 3.16
N MET D 70 -29.52 -8.16 3.72
CA MET D 70 -29.64 -9.61 3.92
C MET D 70 -30.86 -9.94 4.77
N ASP D 71 -31.17 -9.13 5.78
CA ASP D 71 -32.31 -9.44 6.63
C ASP D 71 -33.61 -9.38 5.84
N TYR D 72 -33.71 -8.42 4.91
CA TYR D 72 -34.90 -8.34 4.05
C TYR D 72 -34.99 -9.55 3.14
N ALA D 73 -33.84 -10.09 2.70
CA ALA D 73 -33.84 -11.31 1.92
C ALA D 73 -34.35 -12.50 2.74
N PHE D 74 -33.91 -12.61 4.00
CA PHE D 74 -34.42 -13.69 4.86
C PHE D 74 -35.91 -13.52 5.13
N GLN D 75 -36.36 -12.27 5.30
CA GLN D 75 -37.79 -11.99 5.45
C GLN D 75 -38.57 -12.43 4.24
N TYR D 76 -38.04 -12.17 3.03
CA TYR D 76 -38.74 -12.59 1.83
C TYR D 76 -38.93 -14.10 1.79
N VAL D 77 -37.88 -14.84 2.07
CA VAL D 77 -37.96 -16.30 2.04
C VAL D 77 -39.03 -16.79 3.01
N GLN D 78 -39.08 -16.21 4.21
CA GLN D 78 -40.13 -16.55 5.17
C GLN D 78 -41.52 -16.18 4.65
N ASP D 79 -41.69 -14.93 4.19
CA ASP D 79 -42.99 -14.48 3.68
C ASP D 79 -43.44 -15.31 2.49
N ASN D 80 -42.49 -15.62 1.61
CA ASN D 80 -42.75 -16.29 0.34
C ASN D 80 -42.95 -17.78 0.51
N GLY D 81 -42.48 -18.34 1.62
CA GLY D 81 -42.46 -19.77 1.79
C GLY D 81 -41.45 -20.51 0.94
N GLY D 82 -40.40 -19.85 0.44
CA GLY D 82 -39.45 -20.58 -0.35
C GLY D 82 -38.50 -19.69 -1.13
N LEU D 83 -37.51 -20.35 -1.72
CA LEU D 83 -36.49 -19.76 -2.57
C LEU D 83 -36.02 -20.81 -3.56
N ASP D 84 -35.98 -20.44 -4.85
CA ASP D 84 -35.62 -21.42 -5.87
C ASP D 84 -34.12 -21.66 -5.92
N SER D 85 -33.75 -22.81 -6.49
CA SER D 85 -32.35 -23.14 -6.66
C SER D 85 -31.71 -22.27 -7.74
N GLU D 86 -30.40 -22.13 -7.64
CA GLU D 86 -29.61 -21.45 -8.64
C GLU D 86 -29.78 -22.08 -10.02
N GLU D 87 -29.79 -23.43 -10.08
CA GLU D 87 -29.89 -24.08 -11.37
C GLU D 87 -31.23 -23.79 -12.04
N SER D 88 -32.31 -23.73 -11.24
CA SER D 88 -33.63 -23.49 -11.78
C SER D 88 -33.92 -22.03 -12.10
N TYR D 89 -33.20 -21.09 -11.49
CA TYR D 89 -33.50 -19.66 -11.57
C TYR D 89 -32.16 -18.94 -11.64
N PRO D 90 -31.46 -19.06 -12.77
CA PRO D 90 -30.05 -18.65 -12.83
C PRO D 90 -29.88 -17.15 -12.79
N TYR D 91 -28.62 -16.74 -12.59
CA TYR D 91 -28.31 -15.36 -12.32
C TYR D 91 -28.01 -14.63 -13.63
N GLU D 92 -28.64 -13.46 -13.80
CA GLU D 92 -28.53 -12.66 -15.00
C GLU D 92 -27.90 -11.30 -14.77
N ALA D 93 -27.67 -10.90 -13.51
CA ALA D 93 -26.99 -9.65 -13.16
C ALA D 93 -27.73 -8.42 -13.66
N THR D 94 -29.06 -8.49 -13.76
CA THR D 94 -29.89 -7.33 -14.06
C THR D 94 -31.27 -7.63 -13.51
N GLU D 95 -32.03 -6.58 -13.22
CA GLU D 95 -33.34 -6.81 -12.63
C GLU D 95 -34.33 -7.31 -13.67
N GLU D 96 -35.15 -8.25 -13.25
CA GLU D 96 -36.22 -8.78 -14.07
C GLU D 96 -37.44 -8.95 -13.17
N SER D 97 -38.59 -9.14 -13.79
CA SER D 97 -39.79 -9.39 -13.00
C SER D 97 -39.67 -10.74 -12.30
N CYS D 98 -40.46 -10.90 -11.25
CA CYS D 98 -40.37 -12.10 -10.41
C CYS D 98 -40.98 -13.30 -11.10
N LYS D 99 -40.22 -14.42 -11.15
CA LYS D 99 -40.78 -15.68 -11.65
C LYS D 99 -40.52 -16.83 -10.74
N TYR D 100 -40.62 -16.58 -9.45
CA TYR D 100 -40.57 -17.64 -8.48
C TYR D 100 -41.55 -18.75 -8.80
N ASN D 101 -41.08 -19.98 -8.63
CA ASN D 101 -41.92 -21.17 -8.78
C ASN D 101 -41.74 -22.08 -7.58
N PRO D 102 -42.76 -22.25 -6.74
CA PRO D 102 -42.59 -23.05 -5.51
C PRO D 102 -42.19 -24.48 -5.76
N LYS D 103 -42.47 -25.01 -6.96
CA LYS D 103 -42.09 -26.39 -7.26
C LYS D 103 -40.58 -26.56 -7.36
N TYR D 104 -39.85 -25.47 -7.58
CA TYR D 104 -38.40 -25.49 -7.69
C TYR D 104 -37.72 -24.94 -6.45
N SER D 105 -38.49 -24.71 -5.39
CA SER D 105 -37.93 -24.18 -4.16
C SER D 105 -37.17 -25.27 -3.43
N VAL D 106 -36.02 -24.91 -2.87
CA VAL D 106 -35.18 -25.88 -2.17
C VAL D 106 -34.81 -25.37 -0.78
N ALA D 107 -35.42 -24.26 -0.35
CA ALA D 107 -35.08 -23.68 0.93
C ALA D 107 -36.25 -22.88 1.49
N ASN D 108 -36.19 -22.64 2.81
CA ASN D 108 -37.19 -21.87 3.52
C ASN D 108 -36.51 -21.35 4.78
N ASP D 109 -37.11 -20.34 5.40
CA ASP D 109 -36.68 -19.92 6.72
C ASP D 109 -37.86 -19.31 7.44
N ALA D 110 -37.70 -19.18 8.74
CA ALA D 110 -38.76 -18.71 9.65
C ALA D 110 -38.37 -17.39 10.29
N GLY D 111 -37.54 -16.61 9.63
CA GLY D 111 -37.06 -15.37 10.18
C GLY D 111 -35.55 -15.34 10.23
N PHE D 112 -34.98 -14.48 11.07
CA PHE D 112 -33.54 -14.28 11.12
C PHE D 112 -33.19 -13.83 12.53
N VAL D 113 -31.89 -13.90 12.82
CA VAL D 113 -31.32 -13.50 14.10
C VAL D 113 -30.27 -12.44 13.80
N ASP D 114 -30.40 -11.28 14.42
CA ASP D 114 -29.36 -10.28 14.37
C ASP D 114 -28.39 -10.48 15.52
N ILE D 115 -27.11 -10.55 15.21
CA ILE D 115 -26.06 -10.80 16.20
C ILE D 115 -25.69 -9.50 16.90
N PRO D 116 -25.47 -9.53 18.22
CA PRO D 116 -24.98 -8.33 18.90
C PRO D 116 -23.75 -7.79 18.20
N LYS D 117 -23.56 -6.48 18.28
CA LYS D 117 -22.63 -5.75 17.40
C LYS D 117 -21.23 -5.72 18.01
N GLN D 118 -20.66 -6.91 18.20
CA GLN D 118 -19.26 -7.01 18.61
C GLN D 118 -18.72 -8.37 18.19
N GLU D 119 -17.40 -8.44 18.14
CA GLU D 119 -16.76 -9.54 17.46
C GLU D 119 -16.70 -10.81 18.30
N LYS D 120 -16.81 -10.69 19.62
CA LYS D 120 -16.93 -11.90 20.43
C LYS D 120 -18.25 -12.61 20.13
N ALA D 121 -19.33 -11.85 19.95
CA ALA D 121 -20.61 -12.45 19.61
C ALA D 121 -20.60 -12.99 18.18
N LEU D 122 -19.95 -12.28 17.25
CA LEU D 122 -19.81 -12.78 15.90
C LEU D 122 -19.03 -14.09 15.89
N MET D 123 -17.96 -14.19 16.69
CA MET D 123 -17.18 -15.42 16.69
C MET D 123 -18.01 -16.58 17.22
N LYS D 124 -18.74 -16.36 18.32
CA LYS D 124 -19.61 -17.41 18.86
C LYS D 124 -20.65 -17.84 17.83
N ALA D 125 -21.25 -16.89 17.12
CA ALA D 125 -22.23 -17.26 16.10
C ALA D 125 -21.58 -18.08 15.00
N VAL D 126 -20.43 -17.64 14.50
CA VAL D 126 -19.78 -18.38 13.44
C VAL D 126 -19.45 -19.80 13.90
N ALA D 127 -18.99 -19.93 15.15
CA ALA D 127 -18.58 -21.25 15.62
C ALA D 127 -19.76 -22.19 15.84
N THR D 128 -20.93 -21.67 16.23
CA THR D 128 -22.04 -22.53 16.66
C THR D 128 -23.18 -22.61 15.66
N VAL D 129 -23.22 -21.73 14.67
CA VAL D 129 -24.34 -21.65 13.74
C VAL D 129 -23.93 -22.10 12.34
N GLY D 130 -22.80 -21.57 11.85
CA GLY D 130 -22.41 -21.74 10.46
C GLY D 130 -22.01 -20.40 9.86
N PRO D 131 -21.93 -20.35 8.52
CA PRO D 131 -21.60 -19.08 7.85
C PRO D 131 -22.60 -17.98 8.17
N ILE D 132 -22.08 -16.75 8.31
CA ILE D 132 -22.85 -15.62 8.81
C ILE D 132 -22.83 -14.49 7.78
N SER D 133 -23.99 -13.92 7.53
CA SER D 133 -24.10 -12.75 6.66
C SER D 133 -23.59 -11.52 7.40
N VAL D 134 -22.68 -10.76 6.78
CA VAL D 134 -22.14 -9.54 7.36
C VAL D 134 -22.03 -8.48 6.28
N ALA D 135 -21.98 -7.22 6.73
CA ALA D 135 -21.70 -6.08 5.87
C ALA D 135 -20.39 -5.45 6.30
N ILE D 136 -19.60 -5.02 5.33
CA ILE D 136 -18.31 -4.40 5.59
C ILE D 136 -18.18 -3.10 4.80
N ASP D 137 -17.28 -2.25 5.25
CA ASP D 137 -16.78 -1.11 4.49
C ASP D 137 -15.74 -1.66 3.51
N ALA D 138 -16.16 -1.88 2.27
CA ALA D 138 -15.29 -2.29 1.18
C ALA D 138 -14.92 -1.16 0.24
N GLY D 139 -15.21 0.09 0.61
CA GLY D 139 -15.08 1.20 -0.31
C GLY D 139 -13.69 1.80 -0.41
N HIS D 140 -12.69 0.97 -0.63
CA HIS D 140 -11.31 1.44 -0.76
C HIS D 140 -10.57 0.69 -1.85
N GLU D 141 -9.68 1.40 -2.54
CA GLU D 141 -8.84 0.77 -3.55
C GLU D 141 -8.15 -0.47 -3.00
N SER D 142 -7.68 -0.39 -1.76
CA SER D 142 -6.97 -1.50 -1.14
C SER D 142 -7.81 -2.77 -1.15
N PHE D 143 -9.13 -2.64 -1.02
CA PHE D 143 -9.98 -3.82 -1.05
C PHE D 143 -10.11 -4.36 -2.47
N LEU D 144 -10.24 -3.47 -3.45
CA LEU D 144 -10.29 -3.91 -4.83
C LEU D 144 -9.05 -4.71 -5.21
N PHE D 145 -7.87 -4.24 -4.77
CA PHE D 145 -6.60 -4.79 -5.22
C PHE D 145 -6.06 -5.88 -4.30
N TYR D 146 -6.79 -6.23 -3.24
CA TYR D 146 -6.34 -7.24 -2.28
C TYR D 146 -5.90 -8.55 -2.94
N LYS D 147 -4.72 -9.02 -2.56
CA LYS D 147 -4.19 -10.28 -3.08
C LYS D 147 -4.09 -11.38 -2.04
N GLU D 148 -3.65 -11.07 -0.82
CA GLU D 148 -3.45 -12.11 0.20
C GLU D 148 -3.21 -11.46 1.55
N GLY D 149 -3.07 -12.29 2.56
CA GLY D 149 -2.82 -11.82 3.90
C GLY D 149 -4.07 -11.27 4.55
N ILE D 150 -3.87 -10.61 5.68
CA ILE D 150 -4.98 -10.13 6.49
C ILE D 150 -5.22 -8.68 6.14
N TYR D 151 -6.42 -8.42 5.65
CA TYR D 151 -6.77 -7.09 5.19
C TYR D 151 -6.95 -6.15 6.38
N PHE D 152 -6.18 -5.06 6.38
CA PHE D 152 -6.33 -4.01 7.37
C PHE D 152 -6.21 -2.69 6.62
N GLU D 153 -7.24 -1.86 6.73
CA GLU D 153 -7.29 -0.58 6.02
C GLU D 153 -7.40 0.55 7.02
N PRO D 154 -6.41 1.42 7.14
CA PRO D 154 -6.50 2.48 8.16
C PRO D 154 -7.78 3.31 8.08
N ASP D 155 -8.28 3.56 6.89
CA ASP D 155 -9.47 4.39 6.71
C ASP D 155 -10.77 3.61 6.80
N CYS D 156 -10.73 2.37 7.26
CA CYS D 156 -11.96 1.59 7.32
C CYS D 156 -12.89 2.10 8.41
N SER D 157 -14.18 2.14 8.08
CA SER D 157 -15.22 2.54 9.01
C SER D 157 -15.94 1.36 9.63
N SER D 158 -16.24 1.48 10.93
N SER D 158 -16.23 1.48 10.93
CA SER D 158 -17.05 0.49 11.63
CA SER D 158 -17.04 0.50 11.64
C SER D 158 -18.53 0.83 11.59
C SER D 158 -18.53 0.83 11.60
N GLU D 159 -18.90 1.93 10.95
CA GLU D 159 -20.28 2.40 10.90
C GLU D 159 -20.88 2.47 9.52
N ASP D 160 -20.08 2.69 8.49
CA ASP D 160 -20.58 3.00 7.15
C ASP D 160 -20.24 1.85 6.20
N MET D 161 -20.88 0.72 6.42
CA MET D 161 -20.64 -0.44 5.58
C MET D 161 -21.38 -0.28 4.26
N ASP D 162 -20.78 -0.79 3.19
CA ASP D 162 -21.39 -0.69 1.88
C ASP D 162 -21.44 -2.00 1.11
N HIS D 163 -21.09 -3.13 1.72
CA HIS D 163 -20.92 -4.35 0.94
C HIS D 163 -21.24 -5.56 1.80
N GLY D 164 -22.19 -6.38 1.36
CA GLY D 164 -22.56 -7.59 2.06
C GLY D 164 -21.77 -8.78 1.55
N VAL D 165 -21.22 -9.54 2.50
CA VAL D 165 -20.36 -10.69 2.23
C VAL D 165 -20.69 -11.79 3.24
N LEU D 166 -19.86 -12.82 3.31
CA LEU D 166 -20.19 -14.01 4.11
C LEU D 166 -18.95 -14.43 4.89
N VAL D 167 -19.09 -14.48 6.22
CA VAL D 167 -18.04 -15.01 7.08
C VAL D 167 -18.22 -16.52 7.13
N VAL D 168 -17.22 -17.26 6.62
CA VAL D 168 -17.28 -18.71 6.65
C VAL D 168 -16.33 -19.31 7.67
N GLY D 169 -15.61 -18.49 8.43
CA GLY D 169 -14.74 -19.00 9.47
C GLY D 169 -13.85 -17.88 10.01
N TYR D 170 -12.80 -18.29 10.72
CA TYR D 170 -11.83 -17.37 11.32
C TYR D 170 -10.61 -18.20 11.73
N GLY D 171 -9.54 -17.50 12.05
CA GLY D 171 -8.36 -18.19 12.56
C GLY D 171 -7.24 -17.21 12.77
N PHE D 172 -6.00 -17.68 12.60
CA PHE D 172 -4.84 -16.82 12.81
C PHE D 172 -3.69 -17.27 11.91
N GLU D 173 -2.86 -16.30 11.54
CA GLU D 173 -1.57 -16.46 10.89
C GLU D 173 -0.46 -16.30 11.92
N SER D 174 0.73 -16.78 11.57
CA SER D 174 1.91 -16.62 12.43
C SER D 174 1.79 -17.46 13.69
N THR D 175 2.67 -17.24 14.67
CA THR D 175 2.51 -17.93 15.95
C THR D 175 1.34 -17.33 16.71
N GLU D 176 0.65 -18.18 17.49
CA GLU D 176 -0.63 -17.76 18.03
C GLU D 176 -0.51 -16.55 18.96
N SER D 177 0.63 -16.39 19.64
CA SER D 177 0.73 -15.30 20.61
C SER D 177 0.85 -13.93 19.96
N ASP D 178 1.12 -13.86 18.66
CA ASP D 178 1.14 -12.60 17.93
C ASP D 178 -0.24 -11.98 17.75
N ASN D 179 -1.32 -12.73 18.00
CA ASN D 179 -2.69 -12.22 17.87
C ASN D 179 -2.95 -11.69 16.47
N ASN D 180 -2.41 -12.40 15.49
CA ASN D 180 -2.51 -12.07 14.07
C ASN D 180 -3.73 -12.81 13.50
N LYS D 181 -4.91 -12.26 13.81
CA LYS D 181 -6.16 -12.98 13.67
C LYS D 181 -7.00 -12.44 12.52
N TYR D 182 -7.82 -13.31 11.95
CA TYR D 182 -8.61 -12.89 10.80
C TYR D 182 -9.97 -13.57 10.78
N TRP D 183 -10.90 -12.90 10.11
CA TRP D 183 -12.16 -13.48 9.65
C TRP D 183 -11.97 -14.00 8.23
N LEU D 184 -12.48 -15.21 7.95
CA LEU D 184 -12.41 -15.76 6.61
C LEU D 184 -13.71 -15.43 5.88
N VAL D 185 -13.60 -14.69 4.79
CA VAL D 185 -14.73 -14.03 4.16
C VAL D 185 -14.83 -14.39 2.68
N LYS D 186 -16.01 -14.88 2.30
CA LYS D 186 -16.35 -15.18 0.92
C LYS D 186 -16.95 -13.94 0.28
N ASN D 187 -16.35 -13.48 -0.82
CA ASN D 187 -16.88 -12.37 -1.60
C ASN D 187 -17.66 -12.94 -2.77
N SER D 188 -18.27 -12.05 -3.55
CA SER D 188 -19.07 -12.38 -4.72
C SER D 188 -18.61 -11.63 -5.95
N TRP D 189 -17.29 -11.54 -6.13
CA TRP D 189 -16.68 -10.85 -7.26
C TRP D 189 -15.86 -11.80 -8.13
N GLY D 190 -16.18 -13.09 -8.10
CA GLY D 190 -15.49 -14.07 -8.90
C GLY D 190 -14.22 -14.55 -8.22
N GLU D 191 -13.66 -15.63 -8.74
CA GLU D 191 -12.51 -16.22 -8.09
C GLU D 191 -11.21 -15.51 -8.43
N GLU D 192 -11.21 -14.60 -9.40
CA GLU D 192 -10.02 -13.84 -9.75
C GLU D 192 -9.76 -12.69 -8.79
N TRP D 193 -10.77 -12.26 -8.04
CA TRP D 193 -10.60 -11.29 -6.97
C TRP D 193 -9.94 -11.95 -5.75
N GLY D 194 -9.07 -11.20 -5.08
CA GLY D 194 -8.56 -11.69 -3.81
C GLY D 194 -7.88 -13.03 -3.92
N MET D 195 -8.08 -13.87 -2.89
N MET D 195 -8.14 -13.90 -2.94
CA MET D 195 -7.49 -15.21 -2.82
CA MET D 195 -7.51 -15.21 -2.81
C MET D 195 -8.57 -16.20 -3.25
C MET D 195 -8.54 -16.26 -3.24
N GLY D 196 -8.61 -16.50 -4.54
CA GLY D 196 -9.65 -17.37 -5.04
C GLY D 196 -11.04 -16.88 -4.74
N GLY D 197 -11.20 -15.55 -4.59
CA GLY D 197 -12.49 -14.98 -4.26
C GLY D 197 -12.72 -14.75 -2.79
N TYR D 198 -11.77 -15.13 -1.95
CA TYR D 198 -11.86 -14.98 -0.52
C TYR D 198 -10.93 -13.88 -0.02
N VAL D 199 -11.22 -13.37 1.17
CA VAL D 199 -10.37 -12.41 1.84
C VAL D 199 -10.32 -12.74 3.32
N LYS D 200 -9.13 -12.57 3.91
CA LYS D 200 -8.95 -12.63 5.35
C LYS D 200 -9.05 -11.20 5.88
N MET D 201 -10.05 -10.94 6.71
N MET D 201 -10.02 -10.95 6.74
CA MET D 201 -10.33 -9.60 7.24
CA MET D 201 -10.30 -9.61 7.25
C MET D 201 -9.84 -9.49 8.68
C MET D 201 -9.86 -9.48 8.69
N ALA D 202 -9.29 -8.32 9.02
CA ALA D 202 -8.76 -8.08 10.36
C ALA D 202 -9.77 -8.43 11.45
N LYS D 203 -9.34 -9.22 12.42
CA LYS D 203 -10.18 -9.70 13.49
C LYS D 203 -9.69 -9.18 14.84
N ASP D 204 -10.64 -8.81 15.69
CA ASP D 204 -10.42 -8.38 17.07
C ASP D 204 -9.60 -7.10 17.12
N ARG D 205 -9.88 -6.20 16.18
CA ARG D 205 -9.32 -4.84 16.15
C ARG D 205 -10.48 -3.86 16.26
N ARG D 206 -11.34 -4.06 17.26
CA ARG D 206 -12.51 -3.21 17.52
C ARG D 206 -13.36 -3.02 16.26
N ASN D 207 -13.77 -4.16 15.68
CA ASN D 207 -14.81 -4.21 14.66
C ASN D 207 -14.32 -3.50 13.38
N HIS D 208 -13.14 -3.91 12.93
CA HIS D 208 -12.55 -3.33 11.75
C HIS D 208 -13.43 -3.48 10.52
N CYS D 209 -13.63 -2.38 9.81
CA CYS D 209 -14.48 -2.32 8.64
C CYS D 209 -15.93 -2.67 8.94
N GLY D 210 -16.32 -2.66 10.22
CA GLY D 210 -17.72 -2.85 10.58
C GLY D 210 -18.24 -4.26 10.43
N ILE D 211 -17.35 -5.25 10.41
CA ILE D 211 -17.75 -6.61 10.07
C ILE D 211 -18.77 -7.17 11.07
N ALA D 212 -18.77 -6.70 12.31
CA ALA D 212 -19.75 -7.15 13.30
C ALA D 212 -20.93 -6.21 13.46
N SER D 213 -21.05 -5.18 12.64
CA SER D 213 -22.07 -4.17 12.82
C SER D 213 -23.43 -4.58 12.27
N ALA D 214 -23.46 -5.49 11.30
CA ALA D 214 -24.70 -5.86 10.63
C ALA D 214 -24.62 -7.35 10.28
N ALA D 215 -24.40 -8.17 11.29
CA ALA D 215 -24.22 -9.62 11.14
C ALA D 215 -25.52 -10.32 11.48
N SER D 216 -25.89 -11.31 10.66
CA SER D 216 -27.16 -12.02 10.86
C SER D 216 -27.14 -13.35 10.13
N TYR D 217 -28.12 -14.20 10.50
CA TYR D 217 -28.30 -15.46 9.81
C TYR D 217 -29.77 -15.83 9.81
N PRO D 218 -30.21 -16.64 8.87
CA PRO D 218 -31.62 -17.07 8.85
C PRO D 218 -31.87 -18.23 9.79
N THR D 219 -33.07 -18.23 10.38
N THR D 219 -33.09 -18.23 10.34
CA THR D 219 -33.51 -19.33 11.22
CA THR D 219 -33.58 -19.31 11.19
C THR D 219 -34.25 -20.34 10.35
C THR D 219 -34.27 -20.35 10.31
N VAL D 220 -33.72 -21.56 10.29
CA VAL D 220 -34.34 -22.60 9.46
C VAL D 220 -34.94 -23.69 10.33
O1 KXL E . 21.35 -18.01 -5.85
O2 KXL E . 22.75 -19.82 -3.16
O3 KXL E . 25.26 -17.45 -3.07
O4 KXL E . 23.97 -19.18 1.07
N5 KXL E . 24.07 -18.24 -1.35
N6 KXL E . 26.07 -18.57 1.44
N7 KXL E . 19.87 -18.53 -4.28
N8 KXL E . 17.79 -19.75 -2.59
C9 KXL E . 21.06 -18.05 -4.67
C10 KXL E . 22.04 -17.57 -3.64
C11 KXL E . 23.23 -18.54 -3.59
C12 KXL E . 24.29 -18.03 -2.64
C13 KXL E . 24.74 -17.46 -0.31
C14 KXL E . 24.02 -16.21 0.18
C15 KXL E . 24.84 -15.45 1.22
C16 KXL E . 24.84 -15.83 2.56
C17 KXL E . 25.57 -15.11 3.49
C18 KXL E . 26.31 -14.00 3.09
C19 KXL E . 26.30 -13.62 1.75
C20 KXL E . 25.57 -14.35 0.83
C21 KXL E . 24.91 -18.46 0.79
C22 KXL E . 27.30 -17.91 1.06
C23 KXL E . 26.15 -19.42 2.61
C24 KXL E . 18.96 -19.01 -5.29
C25 KXL E . 18.33 -20.35 -4.96
C26 KXL E . 17.37 -20.23 -3.79
C27 KXL E . 16.05 -20.64 -3.96
C28 KXL E . 15.17 -20.54 -2.88
C29 KXL E . 15.64 -20.04 -1.67
C30 KXL E . 16.96 -19.64 -1.55
HO2 KXL E . 23.46 -20.47 -3.23
HN5 KXL E . 23.42 -18.95 -1.07
HN7 KXL E . 19.60 -18.55 -3.30
H1 KXL E . 21.56 -17.53 -2.66
H11 KXL E . 23.69 -18.62 -4.58
H13 KXL E . 25.66 -17.00 -0.71
H141 KXL E . 23.06 -16.49 0.61
H142 KXL E . 23.84 -15.54 -0.67
H16 KXL E . 24.26 -16.68 2.88
H17 KXL E . 25.58 -15.42 4.54
H18 KXL E . 26.90 -13.45 3.81
H19 KXL E . 26.86 -12.75 1.44
H20 KXL E . 25.57 -14.05 -0.22
H222 KXL E . 27.40 -17.92 0.01
H223 KXL E . 28.12 -18.41 1.51
H221 KXL E . 27.28 -16.90 1.39
H233 KXL E . 27.12 -19.34 3.04
H232 KXL E . 25.98 -20.43 2.34
H231 KXL E . 25.43 -19.12 3.32
H241 KXL E . 19.51 -19.11 -6.23
H242 KXL E . 18.17 -18.27 -5.44
H251 KXL E . 19.11 -21.07 -4.71
H252 KXL E . 17.78 -20.73 -5.83
H27 KXL E . 15.71 -21.02 -4.91
H28 KXL E . 14.14 -20.84 -2.99
H29 KXL E . 14.96 -19.95 -0.83
H30 KXL E . 17.32 -19.25 -0.61
O1 PG4 F . 29.73 -11.70 -24.98
C1 PG4 F . 30.46 -12.02 -23.83
C2 PG4 F . 30.98 -10.71 -23.20
O2 PG4 F . 32.36 -10.60 -23.35
C3 PG4 F . 32.95 -9.62 -22.54
C4 PG4 F . 32.79 -8.24 -23.14
O3 PG4 F . 32.80 -8.30 -24.53
C5 PG4 F . 32.56 -7.09 -25.20
C6 PG4 F . 31.74 -7.39 -26.45
O4 PG4 F . 30.55 -6.66 -26.40
C7 PG4 F . 29.53 -7.14 -27.24
C8 PG4 F . 29.05 -8.52 -26.77
O5 PG4 F . 27.67 -8.52 -26.51
HO1 PG4 F . 29.41 -12.49 -25.39
H11 PG4 F . 31.30 -12.66 -24.08
H12 PG4 F . 29.81 -12.52 -23.12
H21 PG4 F . 30.73 -10.70 -22.14
H22 PG4 F . 30.50 -9.87 -23.70
H31 PG4 F . 34.00 -9.85 -22.43
H32 PG4 F . 32.48 -9.65 -21.56
H41 PG4 F . 33.60 -7.60 -22.80
H42 PG4 F . 31.84 -7.82 -22.81
H51 PG4 F . 33.50 -6.63 -25.46
H52 PG4 F . 32.01 -6.42 -24.54
H61 PG4 F . 32.31 -7.09 -27.33
H62 PG4 F . 31.52 -8.45 -26.49
H71 PG4 F . 29.90 -7.22 -28.25
H72 PG4 F . 28.70 -6.45 -27.22
H81 PG4 F . 29.26 -9.25 -27.55
H82 PG4 F . 29.58 -8.79 -25.87
HO5 PG4 F . 27.31 -9.37 -26.71
OH2 1PE G . 18.67 -23.22 -7.99
C12 1PE G . 19.39 -22.03 -8.11
C22 1PE G . 18.55 -21.06 -8.96
OH3 1PE G . 17.58 -20.47 -8.14
C13 1PE G . 15.55 -19.31 -7.86
C23 1PE G . 16.63 -19.73 -8.84
OH4 1PE G . 14.51 -20.25 -7.95
C14 1PE G . 12.72 -21.28 -6.81
C24 1PE G . 13.45 -19.97 -7.09
OH5 1PE G . 13.37 -21.90 -5.74
C15 1PE G . 13.59 -23.69 -4.17
C25 1PE G . 12.97 -23.21 -5.48
OH6 1PE G . 12.93 -23.12 -3.08
C16 1PE G . 12.09 -23.26 -0.85
C26 1PE G . 13.08 -23.82 -1.87
OH7 1PE G . 11.54 -24.29 -0.07
HO2 1PE G . 19.24 -23.90 -7.64
H121 1PE G . 20.34 -22.21 -8.59
H122 1PE G . 19.55 -21.60 -7.12
H221 1PE G . 19.20 -20.29 -9.36
H222 1PE G . 18.08 -21.60 -9.77
H131 1PE G . 15.94 -19.31 -6.85
H132 1PE G . 15.18 -18.33 -8.12
H231 1PE G . 16.21 -20.34 -9.64
H232 1PE G . 17.10 -18.85 -9.27
H141 1PE G . 11.69 -21.08 -6.54
H142 1PE G . 12.76 -21.92 -7.68
H241 1PE G . 13.83 -19.55 -6.17
H242 1PE G . 12.77 -19.26 -7.55
H151 1PE G . 13.51 -24.77 -4.11
H152 1PE G . 14.64 -23.41 -4.15
H251 1PE G . 13.30 -23.85 -6.30
H252 1PE G . 11.89 -23.25 -5.41
H161 1PE G . 11.28 -22.74 -1.37
H162 1PE G . 12.60 -22.56 -0.20
H261 1PE G . 12.89 -24.87 -2.02
H262 1PE G . 14.10 -23.69 -1.50
HO7 1PE G . 10.78 -23.97 0.39
S DMS H . 43.11 -12.48 -6.02
O DMS H . 43.92 -11.24 -6.25
C1 DMS H . 43.10 -12.90 -4.25
C2 DMS H . 43.99 -13.90 -6.72
H11 DMS H . 44.09 -12.92 -3.89
H12 DMS H . 42.64 -13.84 -4.11
H13 DMS H . 42.55 -12.16 -3.71
H21 DMS H . 44.42 -13.61 -7.65
H22 DMS H . 44.76 -14.19 -6.06
H23 DMS H . 43.32 -14.69 -6.87
S DMS I . 41.12 -14.99 -17.83
O DMS I . 40.60 -14.34 -16.59
C1 DMS I . 40.52 -16.68 -18.03
C2 DMS I . 42.91 -15.22 -17.67
H11 DMS I . 39.47 -16.70 -17.97
H12 DMS I . 40.83 -17.05 -18.98
H13 DMS I . 40.94 -17.29 -17.27
H21 DMS I . 43.10 -15.96 -16.93
H22 DMS I . 43.37 -14.32 -17.39
H23 DMS I . 43.31 -15.56 -18.59
C1 PEG J . 38.40 2.73 -30.96
O1 PEG J . 38.26 1.36 -30.68
C2 PEG J . 39.85 3.15 -30.74
O2 PEG J . 40.23 2.93 -29.41
C3 PEG J . 39.52 3.71 -28.48
C4 PEG J . 40.17 3.63 -27.11
O4 PEG J . 39.35 4.32 -26.19
H11 PEG J . 38.12 2.91 -31.98
H12 PEG J . 37.75 3.29 -30.30
HO1 PEG J . 38.50 1.19 -29.79
H21 PEG J . 40.49 2.57 -31.40
H22 PEG J . 39.95 4.20 -30.98
H31 PEG J . 39.52 4.74 -28.81
H32 PEG J . 38.51 3.34 -28.42
H41 PEG J . 40.27 2.60 -26.80
H42 PEG J . 41.15 4.10 -27.13
HO4 PEG J . 39.19 5.19 -26.51
C1 PEG K . 20.15 -9.17 -17.32
O1 PEG K . 19.21 -8.12 -17.29
C2 PEG K . 19.90 -10.22 -16.25
O2 PEG K . 18.82 -11.06 -16.59
C3 PEG K . 17.60 -10.43 -16.28
C4 PEG K . 16.56 -10.66 -17.37
O4 PEG K . 15.36 -10.07 -16.93
H11 PEG K . 20.11 -9.64 -18.30
H12 PEG K . 21.14 -8.75 -17.17
HO1 PEG K . 19.13 -7.78 -16.42
H21 PEG K . 20.79 -10.84 -16.15
H22 PEG K . 19.69 -9.73 -15.31
H31 PEG K . 17.23 -10.85 -15.34
H32 PEG K . 17.77 -9.37 -16.16
H41 PEG K . 16.89 -10.20 -18.29
H42 PEG K . 16.42 -11.73 -17.53
HO4 PEG K . 14.63 -10.66 -17.08
C1 PEG L . 29.05 -21.47 -0.38
O1 PEG L . 27.71 -21.77 -0.67
C2 PEG L . 29.76 -20.83 -1.58
O2 PEG L . 30.29 -19.59 -1.18
C3 PEG L . 31.58 -19.62 -0.63
C4 PEG L . 31.73 -18.48 0.37
O4 PEG L . 31.53 -18.95 1.68
H11 PEG L . 29.09 -20.78 0.46
H12 PEG L . 29.58 -22.38 -0.12
HO1 PEG L . 27.41 -22.45 -0.09
H21 PEG L . 30.56 -21.47 -1.92
H22 PEG L . 29.05 -20.68 -2.38
H31 PEG L . 31.73 -20.57 -0.12
H32 PEG L . 32.31 -19.51 -1.42
H41 PEG L . 32.73 -18.07 0.30
H42 PEG L . 31.00 -17.70 0.15
HO4 PEG L . 32.29 -18.75 2.21
O1 KXL M . 10.41 14.99 24.84
O2 KXL M . 12.66 13.42 22.70
O3 KXL M . 10.47 10.83 22.45
O4 KXL M . 12.86 11.64 18.54
N5 KXL M . 11.68 11.72 20.84
N6 KXL M . 12.30 9.54 18.19
N7 KXL M . 11.16 16.36 23.24
N8 KXL M . 12.87 17.98 21.44
C9 KXL M . 10.69 15.22 23.67
C10 KXL M . 10.46 14.17 22.62
C11 KXL M . 11.33 12.94 22.91
C12 KXL M . 11.12 11.75 22.03
C13 KXL M . 10.96 10.99 19.73
C14 KXL M . 9.79 11.59 18.94
C15 KXL M . 9.26 10.68 17.82
C16 KXL M . 9.86 10.66 16.56
C17 KXL M . 9.37 9.84 15.55
C18 KXL M . 8.27 9.01 15.80
C19 KXL M . 7.67 9.03 17.05
C20 KXL M . 8.16 9.85 18.06
C21 KXL M . 12.10 10.72 18.78
C22 KXL M . 11.49 8.35 18.45
C23 KXL M . 13.38 9.38 17.24
C24 KXL M . 11.49 17.44 24.15
C25 KXL M . 12.90 18.00 23.93
C26 KXL M . 13.00 18.69 22.59
C27 KXL M . 13.25 20.05 22.52
C28 KXL M . 13.34 20.69 21.29
C29 KXL M . 13.19 19.93 20.14
C30 KXL M . 12.95 18.56 20.24
HO2 KXL M . 13.29 12.69 22.82
HN5 KXL M . 12.57 12.18 20.66
HN7 KXL M . 11.30 16.52 22.24
H1 KXL M . 10.73 14.57 21.63
H11 KXL M . 11.09 12.58 23.92
H13 KXL M . 10.39 10.18 20.19
H141 KXL M . 10.10 12.54 18.49
H142 KXL M . 8.96 11.80 19.62
H16 KXL M . 10.72 11.30 16.36
H17 KXL M . 9.84 9.84 14.58
H18 KXL M . 7.88 8.36 15.02
H19 KXL M . 6.81 8.40 17.24
H20 KXL M . 7.68 9.86 19.03
H222 KXL M . 11.91 7.81 19.26
H223 KXL M . 11.49 7.73 17.58
H221 KXL M . 10.50 8.63 18.68
H233 KXL M . 13.16 9.93 16.36
H232 KXL M . 13.48 8.35 17.01
H231 KXL M . 14.28 9.72 17.67
H241 KXL M . 10.77 18.24 24.04
H242 KXL M . 11.42 17.07 25.18
H251 KXL M . 13.14 18.72 24.73
H252 KXL M . 13.63 17.19 23.99
H27 KXL M . 13.36 20.63 23.44
H28 KXL M . 13.53 21.74 21.24
H29 KXL M . 13.27 20.40 19.17
H30 KXL M . 12.83 17.97 19.33
S DMS N . -12.94 5.71 10.37
O DMS N . -13.14 5.43 11.83
C1 DMS N . -13.38 7.41 9.99
C2 DMS N . -11.18 5.69 9.96
H11 DMS N . -12.54 8.04 10.17
H12 DMS N . -14.19 7.72 10.60
H13 DMS N . -13.67 7.48 8.98
H21 DMS N . -10.90 6.64 9.58
H22 DMS N . -10.61 5.49 10.84
H23 DMS N . -10.98 4.95 9.25
S DMS O . -16.19 10.90 14.58
O DMS O . -16.61 9.67 15.32
C1 DMS O . -17.14 12.34 15.12
C2 DMS O . -14.55 11.39 15.18
H11 DMS O . -18.15 12.24 14.82
H12 DMS O . -16.72 13.21 14.70
H13 DMS O . -17.10 12.40 16.19
H21 DMS O . -13.91 10.55 15.18
H22 DMS O . -14.63 11.77 16.16
H23 DMS O . -14.15 12.13 14.55
OH2 1PE P . 15.00 17.71 27.41
C12 1PE P . 13.78 17.13 27.74
C22 1PE P . 12.81 18.20 28.23
OH3 1PE P . 12.38 18.96 27.15
C13 1PE P . 11.17 20.84 26.29
C23 1PE P . 11.36 19.88 27.47
OH4 1PE P . 12.12 21.87 26.42
C14 1PE P . 13.73 23.04 25.16
C24 1PE P . 12.25 22.69 25.30
OH5 1PE P . 14.23 22.72 23.88
C15 1PE P . 16.28 22.79 22.61
C25 1PE P . 15.54 22.24 23.83
OH6 1PE P . 16.32 21.93 21.49
C16 1PE P . 17.61 23.44 20.03
C26 1PE P . 16.35 22.58 20.23
OH7 1PE P . 17.55 24.16 18.82
HO2 1PE P . 15.65 17.04 27.34
H121 1PE P . 13.92 16.38 28.52
H122 1PE P . 13.35 16.64 26.86
H221 1PE P . 11.96 17.74 28.72
H222 1PE P . 13.32 18.84 28.96
H131 1PE P . 10.17 21.26 26.32
H132 1PE P . 11.31 20.32 25.36
H231 1PE P . 10.43 19.36 27.65
H232 1PE P . 11.64 20.45 28.35
H141 1PE P . 14.30 22.48 25.89
H142 1PE P . 13.87 24.10 25.33
H241 1PE P . 11.91 22.17 24.41
H242 1PE P . 11.67 23.60 25.42
H151 1PE P . 15.78 23.71 22.30
H152 1PE P . 17.31 23.01 22.89
H251 1PE P . 15.53 21.15 23.77
H252 1PE P . 16.07 22.53 24.73
H161 1PE P . 18.47 22.77 20.00
H162 1PE P . 17.71 24.12 20.86
H261 1PE P . 15.48 23.22 20.16
H262 1PE P . 16.31 21.82 19.46
HO7 1PE P . 18.41 24.42 18.55
NA NA Q . -0.93 -3.68 18.88
O1 KXL R . -8.10 8.99 -14.15
O2 KXL R . -10.82 9.59 -16.26
O3 KXL R . -8.77 11.54 -18.21
O4 KXL R . -11.81 8.97 -20.59
N5 KXL R . -10.13 9.97 -18.93
N6 KXL R . -11.48 10.64 -22.01
N7 KXL R . -9.28 7.18 -14.69
N8 KXL R . -10.93 4.78 -15.07
C9 KXL R . -8.65 8.30 -14.99
C10 KXL R . -8.66 8.69 -16.44
C11 KXL R . -9.48 9.97 -16.60
C12 KXL R . -9.42 10.54 -17.98
C13 KXL R . -9.75 10.06 -20.36
C14 KXL R . -8.69 9.11 -20.90
C15 KXL R . -8.47 9.32 -22.39
C16 KXL R . -9.34 8.72 -23.30
C17 KXL R . -9.12 8.90 -24.67
C18 KXL R . -8.05 9.66 -25.11
C19 KXL R . -7.18 10.25 -24.20
C20 KXL R . -7.39 10.08 -22.84
C21 KXL R . -11.09 9.87 -21.01
C22 KXL R . -10.78 11.84 -22.47
C23 KXL R . -12.69 10.31 -22.74
C24 KXL R . -9.23 6.63 -13.36
C25 KXL R . -10.59 6.08 -12.96
C26 KXL R . -10.89 4.81 -13.72
C27 KXL R . -11.14 3.64 -13.00
C28 KXL R . -11.42 2.46 -13.69
C29 KXL R . -11.45 2.47 -15.08
C30 KXL R . -11.20 3.67 -15.75
HO2 KXL R . -11.38 10.39 -16.21
HN5 KXL R . -10.97 9.44 -18.70
HN7 KXL R . -9.80 6.69 -15.40
H1 KXL R . -9.10 7.89 -17.03
H11 KXL R . -9.07 10.76 -15.95
H13 KXL R . -9.21 11.00 -20.57
H141 KXL R . -9.00 8.08 -20.71
H142 KXL R . -7.75 9.28 -20.37
H16 KXL R . -10.17 8.13 -22.95
H17 KXL R . -9.79 8.46 -25.38
H18 KXL R . -7.89 9.80 -26.18
H19 KXL R . -6.35 10.84 -24.55
H20 KXL R . -6.72 10.52 -22.12
H222 KXL R . -9.86 11.56 -22.88
H223 KXL R . -10.63 12.49 -21.65
H221 KXL R . -11.37 12.32 -23.21
H233 KXL R . -12.85 11.04 -23.49
H232 KXL R . -13.50 10.30 -22.07
H231 KXL R . -12.57 9.36 -23.17
H241 KXL R . -8.92 7.41 -12.66
H242 KXL R . -8.48 5.83 -13.32
H251 KXL R . -11.36 6.83 -13.17
H252 KXL R . -10.60 5.88 -11.88
H27 KXL R . -11.13 3.64 -11.92
H28 KXL R . -11.61 1.54 -13.15
H29 KXL R . -11.68 1.57 -15.63
H30 KXL R . -11.23 3.69 -16.84
C1 PEG S . -11.88 16.43 -20.88
O1 PEG S . -12.86 15.54 -20.43
C2 PEG S . -11.35 15.96 -22.24
O2 PEG S . -12.17 16.39 -23.27
C3 PEG S . -11.59 16.40 -24.55
C4 PEG S . -12.57 15.83 -25.58
O4 PEG S . -12.36 14.46 -25.75
H11 PEG S . -11.07 16.46 -20.17
H12 PEG S . -12.31 17.42 -21.00
HO1 PEG S . -13.18 15.82 -19.59
H21 PEG S . -11.28 14.88 -22.24
H22 PEG S . -10.35 16.37 -22.38
H31 PEG S . -10.69 15.78 -24.53
H32 PEG S . -11.33 17.42 -24.81
H41 PEG S . -13.59 16.00 -25.23
H42 PEG S . -12.43 16.34 -26.53
HO4 PEG S . -12.79 14.17 -26.53
OH2 1PE T . -15.63 -0.66 -13.21
C12 1PE T . -14.64 0.33 -13.41
C22 1PE T . -14.81 1.40 -12.35
OH3 1PE T . -13.78 1.32 -11.42
C13 1PE T . -12.73 1.86 -9.35
C23 1PE T . -13.80 2.25 -10.37
OH4 1PE T . -11.45 2.17 -9.83
C14 1PE T . -9.15 2.45 -9.37
C24 1PE T . -10.45 1.78 -8.95
OH5 1PE T . -9.34 3.84 -9.27
C15 1PE T . -8.42 6.03 -9.45
C25 1PE T . -8.32 4.57 -9.89
OH6 1PE T . -9.56 6.64 -9.97
C16 1PE T . -11.21 8.39 -9.69
C26 1PE T . -9.83 7.86 -9.34
OH7 1PE T . -11.29 8.68 -11.06
HO2 1PE T . -15.57 -1.31 -13.90
H121 1PE T . -14.77 0.76 -14.39
H122 1PE T . -13.67 -0.12 -13.32
H221 1PE T . -15.76 1.26 -11.84
H222 1PE T . -14.80 2.39 -12.82
H131 1PE T . -12.79 0.80 -9.15
H132 1PE T . -12.90 2.42 -8.43
H231 1PE T . -13.59 3.25 -10.76
H232 1PE T . -14.78 2.24 -9.90
H141 1PE T . -8.91 2.18 -10.39
H142 1PE T . -8.34 2.13 -8.71
H241 1PE T . -10.71 2.08 -7.93
H242 1PE T . -10.33 0.70 -8.98
H151 1PE T . -8.45 6.07 -8.37
H152 1PE T . -7.54 6.56 -9.81
H251 1PE T . -8.44 4.51 -10.97
H252 1PE T . -7.36 4.17 -9.60
H161 1PE T . -11.95 7.65 -9.44
H162 1PE T . -11.40 9.30 -9.12
H261 1PE T . -9.08 8.59 -9.65
H262 1PE T . -9.77 7.73 -8.27
HO7 1PE T . -12.19 8.79 -11.31
C1 EDO U . 2.72 30.81 -12.61
O1 EDO U . 1.82 30.56 -11.52
C2 EDO U . 1.91 30.98 -13.90
O2 EDO U . 1.60 29.71 -14.48
H11 EDO U . 3.30 31.71 -12.42
H12 EDO U . 3.41 29.98 -12.72
HO1 EDO U . 1.21 29.86 -11.76
H21 EDO U . 0.99 31.51 -13.69
H22 EDO U . 2.49 31.58 -14.61
HO2 EDO U . 1.07 29.85 -15.28
NA NA V . 1.46 -17.00 -23.03
O1 KXL W . -23.48 -4.96 -4.55
O2 KXL W . -24.33 -2.00 -2.85
O3 KXL W . -26.60 -3.87 -1.03
O4 KXL W . -24.66 -0.45 1.41
N5 KXL W . -25.32 -2.24 -0.33
N6 KXL W . -26.56 -0.73 2.50
N7 KXL W . -21.63 -3.95 -3.77
N8 KXL W . -19.42 -2.03 -3.21
C9 KXL W . -22.89 -4.39 -3.64
C10 KXL W . -23.57 -4.20 -2.29
C11 KXL W . -24.79 -3.30 -2.45
C12 KXL W . -25.64 -3.14 -1.22
C13 KXL W . -25.55 -2.59 1.13
C14 KXL W . -24.68 -3.47 2.05
C15 KXL W . -25.22 -3.53 3.47
C16 KXL W . -24.80 -2.60 4.41
C17 KXL W . -25.25 -2.64 5.72
C18 KXL W . -26.13 -3.62 6.12
C19 KXL W . -26.56 -4.58 5.21
C20 KXL W . -26.10 -4.54 3.88
C21 KXL W . -25.59 -1.19 1.72
C22 KXL W . -26.43 0.59 3.08
C23 KXL W . -27.77 -1.45 2.87
C24 KXL W . -20.93 -3.93 -5.06
C25 KXL W . -20.35 -2.58 -5.46
C26 KXL W . -19.21 -2.22 -4.55
C27 KXL W . -17.93 -2.08 -5.08
C28 KXL W . -16.87 -1.75 -4.23
C29 KXL W . -17.11 -1.57 -2.88
C30 KXL W . -18.41 -1.72 -2.39
HO2 KXL W . -25.07 -1.40 -2.98
HN5 KXL W . -24.93 -1.34 -0.59
HN7 KXL W . -21.13 -3.60 -2.96
H1 KXL W . -22.87 -3.73 -1.59
H11 KXL W . -25.44 -3.78 -3.19
H13 KXL W . -26.38 -3.31 1.13
H141 KXL W . -24.65 -4.48 1.63
H142 KXL W . -23.67 -3.07 2.06
H16 KXL W . -24.11 -1.82 4.12
H17 KXL W . -24.91 -1.89 6.43
H18 KXL W . -26.49 -3.66 7.14
H19 KXL W . -27.24 -5.36 5.51
H20 KXL W . -26.43 -5.29 3.18
H222 KXL W . -27.38 0.93 3.41
H223 KXL W . -26.04 1.26 2.36
H221 KXL W . -25.77 0.56 3.91
H233 KXL W . -27.51 -2.46 3.10
H232 KXL W . -28.44 -1.44 2.06
H231 KXL W . -28.21 -0.99 3.71
H241 KXL W . -20.11 -4.66 -5.01
H242 KXL W . -21.62 -4.26 -5.83
H251 KXL W . -20.01 -2.62 -6.49
H252 KXL W . -21.14 -1.81 -5.40
H27 KXL W . -17.76 -2.22 -6.13
H28 KXL W . -15.87 -1.63 -4.62
H29 KXL W . -16.31 -1.33 -2.20
H30 KXL W . -18.60 -1.57 -1.34
C1 PEG X . -38.44 -20.70 -13.16
O1 PEG X . -37.86 -21.77 -12.47
C2 PEG X . -37.85 -19.34 -12.77
O2 PEG X . -36.68 -19.12 -13.50
C3 PEG X . -36.63 -18.02 -14.38
C4 PEG X . -35.32 -18.12 -15.15
O4 PEG X . -35.37 -19.20 -16.04
H11 PEG X . -39.51 -20.69 -12.95
H12 PEG X . -38.29 -20.85 -14.22
HO1 PEG X . -38.37 -22.54 -12.65
H21 PEG X . -37.63 -19.33 -11.71
H22 PEG X . -38.57 -18.56 -12.99
H31 PEG X . -37.46 -18.07 -15.07
H32 PEG X . -36.67 -17.10 -13.82
H41 PEG X . -35.16 -17.20 -15.71
H42 PEG X . -34.50 -18.27 -14.45
HO4 PEG X . -34.58 -19.23 -16.56
C1 PEG Y . -40.75 -29.05 -3.65
O1 PEG Y . -40.27 -28.92 -2.35
C2 PEG Y . -42.27 -29.06 -3.54
O2 PEG Y . -42.85 -29.56 -4.71
C3 PEG Y . -43.80 -30.56 -4.49
C4 PEG Y . -43.10 -31.92 -4.36
O4 PEG Y . -44.02 -32.88 -3.92
H11 PEG Y . -40.40 -29.98 -4.10
H12 PEG Y . -40.43 -28.22 -4.27
HO1 PEG Y . -39.33 -28.93 -2.34
H21 PEG Y . -42.56 -29.69 -2.70
H22 PEG Y . -42.62 -28.05 -3.37
H31 PEG Y . -44.34 -30.34 -3.57
H32 PEG Y . -44.49 -30.59 -5.32
H41 PEG Y . -42.29 -31.84 -3.64
H42 PEG Y . -42.70 -32.21 -5.32
HO4 PEG Y . -43.62 -33.75 -3.94
C1 PEG Z . -24.78 -13.76 -16.71
O1 PEG Z . -24.76 -12.61 -17.51
C2 PEG Z . -24.44 -13.40 -15.26
O2 PEG Z . -23.05 -13.41 -15.05
C3 PEG Z . -22.63 -12.79 -13.88
C4 PEG Z . -21.14 -13.06 -13.67
O4 PEG Z . -20.37 -11.95 -14.06
H11 PEG Z . -24.04 -14.46 -17.08
H12 PEG Z . -25.75 -14.21 -16.75
HO1 PEG Z . -25.15 -12.80 -18.34
H21 PEG Z . -24.91 -14.12 -14.60
H22 PEG Z . -24.82 -12.41 -15.05
H31 PEG Z . -23.19 -13.17 -13.04
H32 PEG Z . -22.80 -11.72 -13.95
H41 PEG Z . -20.95 -13.25 -12.61
H42 PEG Z . -20.84 -13.92 -14.25
HO4 PEG Z . -19.46 -12.20 -14.12
C1 PEG AA . -32.70 0.88 4.58
O1 PEG AA . -31.58 0.25 5.12
C2 PEG AA . -33.00 0.32 3.19
O2 PEG AA . -31.80 -0.14 2.62
C3 PEG AA . -31.98 -1.07 1.59
C4 PEG AA . -32.19 -0.38 0.25
O4 PEG AA . -30.98 0.09 -0.28
H11 PEG AA . -32.51 1.95 4.50
H12 PEG AA . -33.56 0.72 5.22
HO1 PEG AA . -31.41 0.58 5.99
H21 PEG AA . -33.71 -0.51 3.27
H22 PEG AA . -33.44 1.09 2.56
H31 PEG AA . -32.84 -1.69 1.82
H32 PEG AA . -31.09 -1.70 1.54
H41 PEG AA . -32.87 0.44 0.39
H42 PEG AA . -32.62 -1.10 -0.44
HO4 PEG AA . -31.12 0.34 -1.18
OH2 1PE BA . -12.90 2.35 -4.62
C12 1PE BA . -13.91 1.50 -4.16
C22 1PE BA . -15.06 1.47 -5.16
OH3 1PE BA . -14.88 0.40 -6.06
C13 1PE BA . -15.42 -0.68 -8.12
C23 1PE BA . -15.76 0.44 -7.15
OH4 1PE BA . -15.90 -1.91 -7.63
C14 1PE BA . -16.18 -4.24 -8.01
C24 1PE BA . -15.58 -2.94 -8.51
OH5 1PE BA . -17.51 -4.16 -8.42
C15 1PE BA . -19.65 -5.26 -8.23
C25 1PE BA . -18.18 -5.37 -8.60
OH6 1PE BA . -20.19 -3.97 -8.33
C16 1PE BA . -22.24 -2.71 -8.71
C26 1PE BA . -21.42 -3.97 -8.98
OH7 1PE BA . -21.56 -1.58 -9.17
HO2 1PE BA . -12.27 2.50 -3.93
H121 1PE BA . -14.28 1.87 -3.20
H122 1PE BA . -13.52 0.50 -4.02
H221 1PE BA . -16.00 1.33 -4.63
H222 1PE BA . -15.09 2.39 -5.71
H131 1PE BA . -14.34 -0.73 -8.23
H132 1PE BA . -15.87 -0.46 -9.08
H231 1PE BA . -16.77 0.30 -6.79
H232 1PE BA . -15.67 1.40 -7.65
H141 1PE BA . -15.69 -5.10 -8.46
H142 1PE BA . -16.12 -4.31 -6.92
H241 1PE BA . -15.97 -2.72 -9.49
H242 1PE BA . -14.50 -3.06 -8.56
H151 1PE BA . -19.76 -5.58 -7.20
H152 1PE BA . -20.23 -5.91 -8.87
H251 1PE BA . -18.10 -5.66 -9.65
H252 1PE BA . -17.71 -6.13 -7.98
H161 1PE BA . -22.39 -2.62 -7.64
H162 1PE BA . -23.20 -2.79 -9.20
H261 1PE BA . -21.26 -4.05 -10.05
H262 1PE BA . -21.99 -4.83 -8.65
HO7 1PE BA . -22.10 -0.83 -9.04
S DMS CA . -45.49 -11.72 -9.07
O DMS CA . -44.40 -12.24 -8.18
C1 DMS CA . -46.50 -13.06 -9.74
C2 DMS CA . -44.75 -11.05 -10.59
H11 DMS CA . -47.31 -12.65 -10.29
H12 DMS CA . -46.88 -13.66 -8.96
H13 DMS CA . -45.91 -13.65 -10.40
H21 DMS CA . -45.51 -10.61 -11.18
H22 DMS CA . -44.29 -11.83 -11.13
H23 DMS CA . -44.03 -10.32 -10.34
S DMS DA . -45.08 -8.11 2.53
O DMS DA . -43.82 -7.32 2.80
C1 DMS DA . -44.74 -9.89 2.35
C2 DMS DA . -45.77 -7.78 0.90
H11 DMS DA . -44.46 -10.28 3.29
H12 DMS DA . -45.61 -10.38 2.00
H13 DMS DA . -43.95 -10.01 1.66
H21 DMS DA . -46.55 -8.46 0.69
H22 DMS DA . -46.15 -6.79 0.86
H23 DMS DA . -45.01 -7.88 0.16
S DMS EA . -23.57 -26.92 14.23
O DMS EA . -24.53 -27.98 13.78
C1 DMS EA . -23.35 -25.72 12.89
C2 DMS EA . -21.90 -27.64 14.30
H11 DMS EA . -22.81 -24.89 13.25
H12 DMS EA . -22.82 -26.17 12.09
H13 DMS EA . -24.29 -25.41 12.53
H21 DMS EA . -21.91 -28.51 14.88
H22 DMS EA . -21.58 -27.87 13.31
H23 DMS EA . -21.24 -26.93 14.73
#